data_8U1P
#
_entry.id   8U1P
#
_cell.length_a   1.00
_cell.length_b   1.00
_cell.length_c   1.00
_cell.angle_alpha   90.00
_cell.angle_beta   90.00
_cell.angle_gamma   90.00
#
_symmetry.space_group_name_H-M   'P 1'
#
loop_
_entity.id
_entity.type
_entity.pdbx_description
1 polymer 'Gametocyte surface protein P45/48'
2 polymer 'RUPA154 Fab Heavy Chain'
3 polymer 'RUPA154 Fab Light Chain'
4 polymer 'RUPA58 Fab Light Chain'
5 polymer 'RUPA58 Fab Heavy Chain'
6 branched 2-acetamido-2-deoxy-beta-D-glucopyranose-(1-4)-2-acetamido-2-deoxy-beta-D-glucopyranose
7 non-polymer 2-acetamido-2-deoxy-beta-D-glucopyranose
#
loop_
_entity_poly.entity_id
_entity_poly.type
_entity_poly.pdbx_seq_one_letter_code
_entity_poly.pdbx_strand_id
1 'polypeptide(L)'
;NNDFCKPSSLNSEISGFIGYKCNFSNEGVHNLKPDMRERRSIFCTIHSYFIYDKIRLIIPKKSSSPEFKILPEKCFQKVY
TDYENRVETDISELGLIEYEIEENDTNPNYNERTITISPFSPKDIEFFCFCDNTEKVISSIEGRSAMVHVRVLKYPHNIL
FTNLTNDLFTYLPKTYNESNFVSNVLEVELNDGELFVLACELINKKCFQEGKEKALYKSNKIIYHKNLTIFKAPFYVTSK
DVNTECTCKFKNNNYKIVLKPKYEKKVIHGCNFSSNVSSKYTFTDSLDISLVDDSAHISCNVHLSEPKYNHLVGLNCPGD
IIPDCFFQVYQPEREELEPSNIVYLSSQINIGDIEYYEDAEGDDKIKLFLIVGSVPKTTSFTCICKKDKKSAYMTVTIDS
A
;
A
2 'polypeptide(L)'
;QVQLVQSGAEVRKPGASVKVSCRTSGYTFTDYYMHWVRQAPGEGLEWMGSINPKSGGTSYAERFQGRVTMTMETSVSTAY
LDLSSLRSDDTAVYYCARLLYSRAVYYYGMDVWGQGTTVTVSSASTKGPSVFPLAPSSKSTSGGTAALGCLVKDYFPEPV
TVSWNSGALTSGVHTFPAVLQSSGLYSLSSVVTVPSSSLGTQTYICNVNHKPSNTKVDKKVEPKSC
;
H
3 'polypeptide(L)'
;YELTQPPSVSVAPGKTARITCGGKDLGSKSVHWYQQKPGQAPVLVIYYDNIRPSGIPERFSGSNSGNTATLTISRVEAGD
EADYYCQVWDSSSDHYVFGRGAKVTVLGQPKAAPSVTLFPPSSEELQANKATLVCLISDFYPGAVTVAWKADSSPVKAGV
ETTTPSKQSNNKYAASSYLSLTPEQWKSHRSYSCQVTHEGSTVEKTVAPTECS
;
L
4 'polypeptide(L)'
;IQMTQSPSSLSASVGDRVTITCRASQIISTYLNWYQHKPGKAPKLLIKSASTLQSGVPSRFSGSGSGTDFTLTITSLQPE
DFATFYCQQSYRDPITFGQGTRLEIKRTVAAPSVFIFPPSDEQLKSGTASVVCLLNNFYPREAKVQWKVDNALQSGNSQE
SVTEQDSKDSTYSLSSTLTLSKADYEKHKVYACEVTHQGLSSPVTKSFNRGEC
;
C
5 'polypeptide(L)'
;QVQLVQSGPEAKKPGASVKVSCQASGYPFSGYYMHWLRQAPGQGLEWMGWMNPNSGGTKYAQRFQGRVTMTRDTSISTAH
MELRGLRSDDTAVYYCARDYCTGSSCYRTDYDYWGQGTLVTVSSASTKGPSVFPLAPSSKSTSGGTAALGCLVKDYFPEP
VTVSWNSGALTSGVHTFPAVLQSSGLYSLSSVVTVPSSSLGTQTYICNVNHKPSNTKVDKKVEPKSC
;
B
#
loop_
_chem_comp.id
_chem_comp.type
_chem_comp.name
_chem_comp.formula
NAG D-saccharide, beta linking 2-acetamido-2-deoxy-beta-D-glucopyranose 'C8 H15 N O6'
#
# COMPACT_ATOMS: atom_id res chain seq x y z
N SER A 15 -4.87 4.20 -20.01
CA SER A 15 -6.01 4.93 -20.53
C SER A 15 -7.06 3.98 -21.09
N GLY A 16 -7.17 3.95 -22.42
CA GLY A 16 -8.13 3.08 -23.08
C GLY A 16 -7.61 1.66 -23.28
N PHE A 17 -7.17 1.02 -22.21
CA PHE A 17 -6.66 -0.34 -22.29
C PHE A 17 -7.01 -1.07 -21.00
N ILE A 18 -7.24 -2.38 -21.12
CA ILE A 18 -7.59 -3.23 -19.99
C ILE A 18 -6.58 -4.33 -19.77
N GLY A 19 -5.42 -4.26 -20.43
CA GLY A 19 -4.38 -5.27 -20.31
C GLY A 19 -3.19 -4.73 -19.55
N TYR A 20 -2.79 -5.47 -18.51
CA TYR A 20 -1.64 -5.10 -17.69
C TYR A 20 -0.68 -6.26 -17.50
N LYS A 21 -0.90 -7.39 -18.16
CA LYS A 21 -0.03 -8.55 -18.01
C LYS A 21 1.12 -8.48 -19.00
N CYS A 22 2.29 -8.93 -18.55
CA CYS A 22 3.50 -8.98 -19.36
C CYS A 22 3.93 -10.45 -19.39
N ASN A 23 3.52 -11.17 -20.44
CA ASN A 23 3.79 -12.59 -20.56
C ASN A 23 5.28 -12.89 -20.71
N PHE A 43 6.06 -8.53 -26.70
CA PHE A 43 6.08 -7.09 -26.89
C PHE A 43 4.96 -6.42 -26.11
N CYS A 44 5.06 -6.46 -24.79
CA CYS A 44 4.04 -5.89 -23.92
C CYS A 44 4.34 -4.40 -23.70
N THR A 45 3.46 -3.54 -24.18
CA THR A 45 3.58 -2.10 -24.00
C THR A 45 2.42 -1.61 -23.16
N ILE A 46 2.71 -0.85 -22.11
CA ILE A 46 1.70 -0.38 -21.17
C ILE A 46 1.69 1.14 -21.20
N HIS A 47 0.51 1.72 -21.47
CA HIS A 47 0.31 3.17 -21.47
C HIS A 47 -0.94 3.45 -20.63
N SER A 48 -0.76 3.60 -19.32
CA SER A 48 -1.90 3.79 -18.42
C SER A 48 -1.54 4.73 -17.28
N TYR A 49 -2.59 5.29 -16.69
CA TYR A 49 -2.47 6.15 -15.51
C TYR A 49 -2.35 5.24 -14.29
N PHE A 50 -1.12 5.09 -13.79
CA PHE A 50 -0.85 4.12 -12.74
C PHE A 50 -1.15 4.74 -11.38
N ILE A 51 -2.22 4.26 -10.73
CA ILE A 51 -2.55 4.67 -9.38
C ILE A 51 -2.38 3.47 -8.45
N TYR A 52 -1.16 3.30 -7.92
CA TYR A 52 -0.78 2.14 -7.13
C TYR A 52 -1.08 0.83 -7.85
N ASP A 53 -0.90 0.83 -9.17
CA ASP A 53 -1.17 -0.33 -10.01
C ASP A 53 0.11 -1.14 -10.15
N LYS A 54 -0.04 -2.44 -10.34
CA LYS A 54 1.09 -3.35 -10.24
C LYS A 54 1.42 -3.95 -11.59
N ILE A 55 2.71 -4.23 -11.81
CA ILE A 55 3.21 -4.73 -13.08
C ILE A 55 3.70 -6.16 -12.86
N ARG A 56 3.08 -7.11 -13.55
CA ARG A 56 3.40 -8.52 -13.43
C ARG A 56 4.43 -8.87 -14.51
N LEU A 57 5.67 -9.08 -14.09
CA LEU A 57 6.75 -9.46 -15.02
C LEU A 57 6.89 -10.98 -14.96
N ILE A 58 6.17 -11.65 -15.86
CA ILE A 58 6.11 -13.11 -15.88
C ILE A 58 7.34 -13.60 -16.66
N ILE A 59 8.32 -14.15 -15.95
CA ILE A 59 9.57 -14.58 -16.57
C ILE A 59 9.95 -15.97 -16.10
N PRO A 60 10.52 -16.80 -16.98
CA PRO A 60 10.83 -18.18 -16.61
C PRO A 60 11.99 -18.29 -15.62
N LYS A 61 12.07 -19.47 -15.00
CA LYS A 61 13.12 -19.77 -14.03
C LYS A 61 14.50 -19.91 -14.68
N LYS A 62 14.55 -20.10 -16.01
CA LYS A 62 15.69 -20.36 -16.87
C LYS A 62 16.19 -21.82 -16.72
N SER A 63 15.71 -22.56 -15.72
CA SER A 63 16.08 -23.95 -15.57
C SER A 63 15.44 -24.85 -16.62
N SER A 64 14.47 -24.33 -17.37
CA SER A 64 13.82 -25.05 -18.46
C SER A 64 14.27 -24.59 -19.84
N SER A 65 14.39 -23.28 -20.05
CA SER A 65 14.81 -22.72 -21.33
C SER A 65 15.84 -21.62 -21.07
N PRO A 66 17.13 -21.93 -21.15
CA PRO A 66 18.16 -20.93 -20.83
C PRO A 66 18.50 -19.98 -21.95
N GLU A 67 18.00 -20.18 -23.17
CA GLU A 67 18.24 -19.23 -24.24
C GLU A 67 17.58 -17.88 -23.96
N PHE A 68 16.37 -17.91 -23.40
CA PHE A 68 15.65 -16.69 -23.09
C PHE A 68 16.35 -15.93 -21.96
N LYS A 69 16.51 -14.63 -22.14
CA LYS A 69 17.10 -13.77 -21.14
C LYS A 69 16.53 -12.38 -21.25
N ILE A 70 16.66 -11.62 -20.17
CA ILE A 70 16.35 -10.19 -20.14
C ILE A 70 17.66 -9.44 -20.03
N LEU A 71 17.85 -8.43 -20.90
CA LEU A 71 19.11 -7.70 -20.90
C LEU A 71 19.38 -6.95 -19.60
N PRO A 72 18.42 -6.19 -19.01
CA PRO A 72 18.66 -5.68 -17.64
C PRO A 72 18.43 -6.77 -16.62
N GLU A 73 19.47 -7.13 -15.89
CA GLU A 73 19.37 -8.16 -14.86
C GLU A 73 18.37 -7.76 -13.78
N LYS A 74 18.63 -6.64 -13.11
CA LYS A 74 17.72 -6.12 -12.10
C LYS A 74 16.68 -5.22 -12.76
N CYS A 75 15.78 -5.88 -13.48
CA CYS A 75 14.67 -5.20 -14.14
C CYS A 75 13.75 -4.58 -13.11
N PHE A 76 13.17 -3.43 -13.48
CA PHE A 76 12.26 -2.62 -12.66
C PHE A 76 12.97 -2.03 -11.43
N GLN A 77 14.27 -2.30 -11.29
CA GLN A 77 15.13 -1.73 -10.27
C GLN A 77 16.32 -1.00 -10.85
N LYS A 78 16.96 -1.58 -11.86
CA LYS A 78 17.99 -0.92 -12.67
C LYS A 78 17.59 -1.15 -14.12
N VAL A 79 16.94 -0.15 -14.73
CA VAL A 79 16.30 -0.29 -16.02
C VAL A 79 16.72 0.87 -16.92
N TYR A 80 16.79 0.59 -18.23
CA TYR A 80 17.18 1.60 -19.20
C TYR A 80 16.20 2.75 -19.24
N THR A 81 16.72 3.98 -19.20
CA THR A 81 15.87 5.16 -19.31
C THR A 81 15.46 5.40 -20.76
N ASP A 82 16.36 5.15 -21.71
CA ASP A 82 16.11 5.40 -23.12
C ASP A 82 15.83 4.09 -23.85
N TYR A 83 15.63 4.20 -25.17
CA TYR A 83 15.38 3.05 -26.03
C TYR A 83 16.59 2.64 -26.85
N GLU A 84 17.34 3.62 -27.37
CA GLU A 84 18.57 3.32 -28.11
C GLU A 84 19.80 3.36 -27.21
N ASN A 85 19.95 4.43 -26.42
CA ASN A 85 21.08 4.56 -25.49
C ASN A 85 20.73 3.78 -24.23
N ARG A 86 20.97 2.47 -24.30
CA ARG A 86 20.64 1.55 -23.21
C ARG A 86 21.67 1.70 -22.10
N VAL A 87 21.32 2.43 -21.05
CA VAL A 87 22.19 2.63 -19.89
C VAL A 87 21.41 2.28 -18.62
N GLU A 88 22.06 1.57 -17.71
CA GLU A 88 21.43 1.18 -16.46
C GLU A 88 21.34 2.37 -15.51
N THR A 89 20.14 2.63 -15.02
CA THR A 89 19.89 3.67 -14.03
C THR A 89 19.04 3.06 -12.92
N ASP A 90 19.41 3.37 -11.67
CA ASP A 90 18.65 2.89 -10.53
C ASP A 90 17.24 3.51 -10.56
N ILE A 91 16.29 2.74 -10.03
CA ILE A 91 14.88 3.11 -10.12
C ILE A 91 14.57 4.38 -9.33
N SER A 92 15.44 4.77 -8.41
CA SER A 92 15.26 6.01 -7.67
C SER A 92 15.48 7.26 -8.51
N GLU A 93 16.05 7.13 -9.70
CA GLU A 93 16.50 8.27 -10.49
C GLU A 93 15.88 8.32 -11.88
N LEU A 94 14.63 7.87 -12.01
CA LEU A 94 13.88 7.95 -13.27
C LEU A 94 12.81 9.03 -13.23
N GLY A 95 12.07 9.13 -12.13
CA GLY A 95 10.95 10.04 -12.06
C GLY A 95 9.75 9.46 -11.35
N LEU A 96 9.89 8.24 -10.82
CA LEU A 96 8.88 7.75 -9.88
C LEU A 96 9.09 8.40 -8.52
N ILE A 97 7.99 8.62 -7.82
CA ILE A 97 8.00 9.35 -6.56
C ILE A 97 7.82 8.42 -5.38
N GLU A 98 6.74 7.64 -5.37
CA GLU A 98 6.52 6.61 -4.37
C GLU A 98 6.52 5.27 -5.07
N TYR A 99 7.26 4.31 -4.53
CA TYR A 99 7.44 3.03 -5.21
C TYR A 99 7.91 1.98 -4.22
N GLU A 100 7.75 0.72 -4.63
CA GLU A 100 8.38 -0.43 -3.99
C GLU A 100 8.57 -1.49 -5.06
N ILE A 101 9.73 -2.13 -5.05
CA ILE A 101 10.06 -3.16 -6.03
C ILE A 101 10.12 -4.50 -5.33
N GLU A 102 9.44 -5.48 -5.90
CA GLU A 102 9.30 -6.77 -5.27
C GLU A 102 9.84 -7.86 -6.19
N GLU A 103 10.71 -8.68 -5.62
CA GLU A 103 11.16 -9.92 -6.22
C GLU A 103 10.75 -11.03 -5.27
N ASN A 104 9.84 -11.89 -5.71
CA ASN A 104 9.42 -12.99 -4.85
C ASN A 104 9.52 -14.29 -5.64
N ASP A 105 10.24 -15.25 -5.09
CA ASP A 105 10.65 -16.42 -5.86
C ASP A 105 10.05 -17.72 -5.36
N THR A 106 8.96 -17.65 -4.58
CA THR A 106 8.41 -18.86 -3.96
C THR A 106 7.81 -19.80 -4.99
N ASN A 107 7.25 -19.28 -6.08
CA ASN A 107 6.66 -20.13 -7.10
C ASN A 107 7.75 -20.90 -7.83
N PRO A 108 7.71 -22.23 -7.85
CA PRO A 108 8.76 -22.98 -8.55
C PRO A 108 8.64 -22.92 -10.06
N ASN A 109 7.43 -22.72 -10.59
CA ASN A 109 7.25 -22.72 -12.03
C ASN A 109 7.84 -21.46 -12.67
N TYR A 110 7.56 -20.29 -12.10
CA TYR A 110 7.98 -19.02 -12.68
C TYR A 110 8.38 -18.09 -11.53
N ASN A 111 9.24 -17.12 -11.85
CA ASN A 111 9.65 -16.10 -10.89
C ASN A 111 9.38 -14.73 -11.49
N GLU A 112 9.05 -13.76 -10.63
CA GLU A 112 8.65 -12.45 -11.12
C GLU A 112 9.36 -11.35 -10.34
N ARG A 113 9.72 -10.28 -11.05
CA ARG A 113 10.21 -9.05 -10.45
C ARG A 113 9.14 -7.99 -10.62
N THR A 114 8.64 -7.48 -9.51
CA THR A 114 7.40 -6.72 -9.45
C THR A 114 7.67 -5.32 -8.90
N ILE A 115 7.05 -4.31 -9.51
CA ILE A 115 7.19 -2.92 -9.07
C ILE A 115 5.79 -2.31 -8.97
N THR A 116 5.57 -1.52 -7.92
CA THR A 116 4.35 -0.73 -7.81
C THR A 116 4.63 0.70 -8.22
N ILE A 117 3.72 1.25 -9.02
CA ILE A 117 3.81 2.61 -9.49
C ILE A 117 2.81 3.42 -8.68
N SER A 118 2.84 4.74 -8.81
CA SER A 118 2.01 5.56 -7.94
C SER A 118 1.55 6.83 -8.65
N PRO A 119 0.43 7.42 -8.23
CA PRO A 119 -0.06 8.63 -8.89
C PRO A 119 0.81 9.86 -8.66
N PHE A 120 1.75 9.81 -7.73
CA PHE A 120 2.47 10.99 -7.27
C PHE A 120 3.51 11.49 -8.27
N SER A 121 3.72 10.77 -9.37
CA SER A 121 4.76 11.14 -10.34
C SER A 121 4.43 12.47 -11.03
N PRO A 122 5.41 13.34 -11.24
CA PRO A 122 5.16 14.65 -11.86
C PRO A 122 5.38 14.73 -13.37
N LYS A 123 5.81 13.66 -14.03
CA LYS A 123 6.11 13.74 -15.46
C LYS A 123 5.94 12.36 -16.09
N ASP A 124 5.82 12.36 -17.42
CA ASP A 124 5.61 11.14 -18.19
C ASP A 124 6.95 10.47 -18.48
N ILE A 125 7.41 9.68 -17.52
CA ILE A 125 8.65 8.92 -17.66
C ILE A 125 8.35 7.58 -18.32
N GLU A 126 9.37 6.99 -18.93
CA GLU A 126 9.27 5.66 -19.51
C GLU A 126 10.57 4.91 -19.27
N PHE A 127 10.47 3.58 -19.23
CA PHE A 127 11.67 2.76 -19.09
C PHE A 127 11.44 1.43 -19.82
N PHE A 128 12.53 0.82 -20.26
CA PHE A 128 12.47 -0.37 -21.10
C PHE A 128 13.26 -1.51 -20.48
N CYS A 129 12.59 -2.64 -20.25
CA CYS A 129 13.22 -3.88 -19.84
C CYS A 129 13.25 -4.82 -21.04
N PHE A 130 14.44 -5.15 -21.50
CA PHE A 130 14.60 -6.09 -22.60
C PHE A 130 14.95 -7.49 -22.09
N MET A 147 10.54 -6.97 -25.51
CA MET A 147 10.74 -5.65 -24.92
C MET A 147 9.54 -5.25 -24.05
N VAL A 148 9.82 -4.73 -22.86
CA VAL A 148 8.80 -4.34 -21.90
C VAL A 148 8.80 -2.81 -21.85
N HIS A 149 7.80 -2.20 -22.48
CA HIS A 149 7.67 -0.74 -22.51
C HIS A 149 6.60 -0.33 -21.51
N VAL A 150 7.02 0.37 -20.47
CA VAL A 150 6.11 0.88 -19.44
C VAL A 150 6.13 2.40 -19.51
N ARG A 151 4.95 2.99 -19.67
CA ARG A 151 4.78 4.42 -19.72
C ARG A 151 3.98 4.86 -18.50
N VAL A 152 4.55 5.76 -17.71
CA VAL A 152 3.89 6.28 -16.51
C VAL A 152 3.40 7.67 -16.88
N LEU A 153 2.16 7.74 -17.35
CA LEU A 153 1.58 9.02 -17.74
C LEU A 153 1.27 9.86 -16.50
N LYS A 154 1.68 11.14 -16.55
CA LYS A 154 1.36 12.06 -15.47
C LYS A 154 -0.15 12.31 -15.44
N TYR A 155 -0.69 12.37 -14.23
CA TYR A 155 -2.15 12.37 -14.08
C TYR A 155 -2.66 13.75 -14.43
N PRO A 156 -3.47 13.92 -15.48
CA PRO A 156 -3.83 15.26 -15.94
C PRO A 156 -4.67 16.06 -14.95
N HIS A 157 -5.51 15.39 -14.17
CA HIS A 157 -6.39 16.09 -13.23
C HIS A 157 -5.66 16.34 -11.91
N ASN A 158 -6.38 16.74 -10.88
CA ASN A 158 -5.76 17.25 -9.67
C ASN A 158 -5.77 16.17 -8.60
N ILE A 159 -5.05 16.47 -7.52
CA ILE A 159 -4.88 15.54 -6.40
C ILE A 159 -5.28 16.25 -5.12
N LEU A 160 -6.09 15.57 -4.30
CA LEU A 160 -6.48 16.07 -2.99
C LEU A 160 -6.13 15.01 -1.96
N PHE A 161 -5.36 15.40 -0.95
CA PHE A 161 -4.82 14.50 0.05
C PHE A 161 -5.22 14.97 1.43
N THR A 162 -5.74 14.05 2.25
CA THR A 162 -6.12 14.33 3.63
C THR A 162 -5.33 13.41 4.55
N ASN A 163 -4.40 13.98 5.32
CA ASN A 163 -3.60 13.14 6.20
C ASN A 163 -4.13 13.25 7.65
N LEU A 164 -5.18 12.47 7.93
CA LEU A 164 -5.62 12.26 9.31
C LEU A 164 -4.63 11.47 10.13
N THR A 165 -3.88 10.58 9.49
CA THR A 165 -2.79 9.91 10.18
C THR A 165 -1.71 10.93 10.54
N ASN A 166 -0.96 10.64 11.60
CA ASN A 166 0.17 11.48 11.97
C ASN A 166 1.42 10.88 11.33
N ASP A 167 1.73 11.35 10.13
CA ASP A 167 2.91 10.91 9.41
C ASP A 167 3.22 11.95 8.34
N LEU A 168 4.47 11.97 7.91
CA LEU A 168 4.96 12.97 6.96
C LEU A 168 4.98 12.30 5.60
N PHE A 169 3.87 12.40 4.87
CA PHE A 169 3.81 11.96 3.48
C PHE A 169 4.28 13.14 2.63
N THR A 170 5.59 13.36 2.68
CA THR A 170 6.23 14.52 2.06
C THR A 170 6.12 14.45 0.54
N TYR A 171 5.98 13.24 0.00
CA TYR A 171 5.88 13.04 -1.44
C TYR A 171 4.74 13.85 -2.07
N LEU A 172 3.53 13.83 -1.49
CA LEU A 172 2.54 14.71 -2.10
C LEU A 172 1.94 15.72 -1.12
N PRO A 173 2.54 16.90 -0.98
CA PRO A 173 2.01 17.96 -0.12
C PRO A 173 0.92 18.84 -0.73
N LYS A 174 -0.17 18.22 -1.19
CA LYS A 174 -1.35 18.94 -1.68
C LYS A 174 -2.56 18.54 -0.82
N THR A 175 -2.99 19.43 0.08
CA THR A 175 -3.81 18.97 1.21
C THR A 175 -5.02 19.78 1.68
N TYR A 176 -5.52 19.34 2.85
CA TYR A 176 -6.56 19.97 3.66
C TYR A 176 -6.19 19.92 5.14
N ASN A 177 -5.25 19.03 5.47
CA ASN A 177 -4.86 18.41 6.74
C ASN A 177 -6.10 17.90 7.48
N GLU A 178 -6.02 17.88 8.81
CA GLU A 178 -7.16 17.63 9.68
C GLU A 178 -7.78 18.90 10.23
N SER A 179 -7.08 20.04 10.14
CA SER A 179 -7.60 21.28 10.70
C SER A 179 -8.84 21.74 9.97
N ASN A 180 -8.91 21.49 8.66
CA ASN A 180 -10.07 21.87 7.87
C ASN A 180 -11.34 21.14 8.28
N PHE A 181 -11.22 20.00 8.99
CA PHE A 181 -12.39 19.27 9.45
C PHE A 181 -13.25 20.18 10.31
N VAL A 182 -14.49 20.38 9.91
CA VAL A 182 -15.41 21.27 10.61
C VAL A 182 -16.37 20.44 11.45
N SER A 183 -16.24 20.60 12.78
CA SER A 183 -16.94 19.77 13.78
C SER A 183 -16.68 18.28 13.56
N ASN A 184 -15.41 17.92 13.33
CA ASN A 184 -14.92 16.55 13.13
C ASN A 184 -15.47 15.90 11.87
N VAL A 185 -16.18 16.64 11.02
CA VAL A 185 -16.61 16.19 9.70
C VAL A 185 -15.94 17.10 8.68
N LEU A 186 -15.39 16.51 7.62
CA LEU A 186 -14.82 17.31 6.54
C LEU A 186 -15.57 17.01 5.26
N GLU A 187 -15.88 18.07 4.52
CA GLU A 187 -16.65 17.97 3.29
C GLU A 187 -15.77 18.42 2.15
N VAL A 188 -15.22 17.46 1.41
CA VAL A 188 -14.31 17.75 0.32
C VAL A 188 -15.08 17.55 -0.97
N GLU A 189 -15.35 18.65 -1.65
CA GLU A 189 -15.87 18.55 -3.00
C GLU A 189 -14.78 18.06 -3.94
N LEU A 190 -15.20 17.48 -5.05
CA LEU A 190 -14.27 16.87 -5.99
C LEU A 190 -14.73 17.20 -7.40
N ASN A 191 -13.88 17.89 -8.16
CA ASN A 191 -14.13 18.18 -9.56
C ASN A 191 -14.09 16.89 -10.38
N ASP A 192 -14.35 16.99 -11.68
CA ASP A 192 -14.43 15.79 -12.51
C ASP A 192 -13.07 15.11 -12.60
N GLY A 193 -13.04 13.82 -12.25
CA GLY A 193 -11.80 13.08 -12.24
C GLY A 193 -10.86 13.38 -11.10
N GLU A 194 -11.29 14.19 -10.13
CA GLU A 194 -10.41 14.60 -9.04
C GLU A 194 -10.04 13.41 -8.15
N LEU A 195 -8.75 13.24 -7.94
CA LEU A 195 -8.19 12.11 -7.21
C LEU A 195 -8.08 12.47 -5.73
N PHE A 196 -8.92 11.85 -4.91
CA PHE A 196 -8.91 12.04 -3.46
C PHE A 196 -8.16 10.91 -2.76
N VAL A 197 -7.31 11.26 -1.81
CA VAL A 197 -6.48 10.30 -1.09
C VAL A 197 -6.74 10.43 0.41
N LEU A 198 -6.94 9.43 1.13
CA LEU A 198 -7.13 9.49 2.60
C LEU A 198 -5.98 8.70 3.23
N ALA A 199 -5.25 9.21 4.10
CA ALA A 199 -4.07 8.65 4.74
C ALA A 199 -4.37 7.98 6.07
N CYS A 200 -5.61 7.96 6.51
CA CYS A 200 -5.96 7.40 7.82
C CYS A 200 -5.75 5.89 7.84
N GLU A 201 -5.00 5.41 8.83
CA GLU A 201 -4.70 3.98 8.91
C GLU A 201 -5.91 3.18 9.36
N LEU A 202 -6.73 3.75 10.24
CA LEU A 202 -7.90 3.06 10.79
C LEU A 202 -9.10 3.42 9.92
N ILE A 203 -9.18 2.73 8.77
CA ILE A 203 -10.22 3.02 7.80
C ILE A 203 -11.49 2.21 8.09
N ASN A 204 -11.43 1.31 9.07
CA ASN A 204 -12.52 0.41 9.48
C ASN A 204 -12.97 -0.37 8.25
N LYS A 205 -14.26 -0.46 7.96
CA LYS A 205 -14.77 -1.22 6.83
C LYS A 205 -15.82 -0.39 6.13
N LYS A 206 -16.18 -0.81 4.92
CA LYS A 206 -17.24 -0.19 4.11
C LYS A 206 -16.93 1.29 3.81
N CYS A 207 -15.67 1.57 3.52
CA CYS A 207 -15.26 2.88 3.02
C CYS A 207 -15.68 3.01 1.55
N PHE A 208 -16.42 4.10 1.25
CA PHE A 208 -16.94 4.37 -0.11
C PHE A 208 -17.96 3.35 -0.58
N GLN A 209 -18.24 2.33 0.22
CA GLN A 209 -19.24 1.34 -0.16
C GLN A 209 -20.65 1.90 0.00
N GLU A 210 -20.88 2.65 1.07
CA GLU A 210 -22.22 3.16 1.40
C GLU A 210 -22.22 4.67 1.29
N GLY A 211 -23.23 5.20 0.60
CA GLY A 211 -23.42 6.63 0.52
C GLY A 211 -24.68 7.05 1.22
N LYS A 212 -24.58 8.06 2.08
CA LYS A 212 -25.73 8.56 2.81
C LYS A 212 -26.72 9.21 1.84
N GLU A 213 -27.99 9.27 2.24
CA GLU A 213 -29.04 9.91 1.47
C GLU A 213 -29.26 9.30 0.09
N LYS A 214 -29.83 8.09 0.07
CA LYS A 214 -30.16 7.33 -1.13
C LYS A 214 -28.96 7.10 -2.04
N ALA A 215 -28.95 7.76 -3.21
CA ALA A 215 -28.02 7.44 -4.27
C ALA A 215 -26.57 7.55 -3.81
N LEU A 216 -25.77 6.55 -4.19
CA LEU A 216 -24.37 6.46 -3.80
C LEU A 216 -23.49 7.01 -4.92
N TYR A 217 -22.48 7.79 -4.53
CA TYR A 217 -21.57 8.40 -5.48
C TYR A 217 -20.68 7.31 -6.09
N LYS A 218 -20.91 7.01 -7.37
CA LYS A 218 -20.19 5.93 -8.02
C LYS A 218 -18.71 6.28 -8.21
N SER A 219 -17.84 5.37 -7.81
CA SER A 219 -16.40 5.52 -7.98
C SER A 219 -15.92 4.47 -8.98
N ASN A 220 -15.15 4.91 -9.97
CA ASN A 220 -14.62 3.99 -10.97
C ASN A 220 -13.66 2.99 -10.34
N LYS A 221 -12.74 3.49 -9.51
CA LYS A 221 -11.75 2.63 -8.88
C LYS A 221 -11.47 3.13 -7.47
N ILE A 222 -11.39 2.18 -6.53
CA ILE A 222 -11.07 2.46 -5.14
C ILE A 222 -9.89 1.57 -4.76
N ILE A 223 -8.79 2.18 -4.31
CA ILE A 223 -7.55 1.47 -4.06
C ILE A 223 -7.22 1.56 -2.58
N TYR A 224 -6.87 0.42 -1.98
CA TYR A 224 -6.44 0.34 -0.58
C TYR A 224 -5.07 -0.32 -0.59
N HIS A 225 -4.01 0.46 -0.76
CA HIS A 225 -2.66 -0.05 -0.85
C HIS A 225 -1.80 0.61 0.22
N LYS A 226 -1.14 -0.22 1.03
CA LYS A 226 -0.21 0.23 2.07
C LYS A 226 -0.86 1.22 3.04
N ASN A 227 -2.07 0.86 3.50
CA ASN A 227 -2.88 1.65 4.43
C ASN A 227 -3.29 3.00 3.86
N LEU A 228 -3.24 3.17 2.55
CA LEU A 228 -3.53 4.45 1.91
C LEU A 228 -4.76 4.27 1.03
N THR A 229 -5.76 5.13 1.22
CA THR A 229 -7.05 4.99 0.56
C THR A 229 -7.21 6.10 -0.47
N ILE A 230 -7.23 5.72 -1.76
CA ILE A 230 -7.35 6.67 -2.86
C ILE A 230 -8.72 6.54 -3.50
N PHE A 231 -9.41 7.67 -3.64
CA PHE A 231 -10.70 7.76 -4.31
C PHE A 231 -10.52 8.41 -5.67
N LYS A 232 -11.04 7.78 -6.71
CA LYS A 232 -11.03 8.32 -8.07
C LYS A 232 -12.43 8.83 -8.38
N ALA A 233 -12.54 10.12 -8.68
CA ALA A 233 -13.82 10.69 -9.06
C ALA A 233 -14.27 10.10 -10.40
N PRO A 234 -15.57 9.88 -10.58
CA PRO A 234 -16.05 9.23 -11.82
C PRO A 234 -15.84 10.06 -13.07
N PHE A 235 -15.61 11.37 -12.94
CA PHE A 235 -15.35 12.31 -14.03
C PHE A 235 -16.61 12.56 -14.87
N TYR A 236 -17.70 11.87 -14.53
CA TYR A 236 -19.00 12.10 -15.14
C TYR A 236 -20.05 11.73 -14.12
N VAL A 237 -20.87 12.70 -13.72
CA VAL A 237 -21.89 12.49 -12.70
C VAL A 237 -23.21 13.03 -13.23
N THR A 238 -24.29 12.26 -13.01
CA THR A 238 -25.59 12.65 -13.52
C THR A 238 -26.17 13.83 -12.73
N SER A 239 -26.13 13.76 -11.40
CA SER A 239 -26.67 14.79 -10.54
C SER A 239 -25.65 15.16 -9.48
N LYS A 240 -25.51 16.45 -9.21
CA LYS A 240 -24.52 16.91 -8.25
C LYS A 240 -24.88 16.49 -6.83
N ASP A 241 -26.17 16.37 -6.53
CA ASP A 241 -26.61 16.04 -5.18
C ASP A 241 -26.46 14.54 -4.92
N VAL A 242 -25.23 14.08 -4.74
CA VAL A 242 -24.96 12.68 -4.42
C VAL A 242 -23.72 12.63 -3.53
N ASN A 243 -23.73 11.77 -2.52
CA ASN A 243 -22.73 11.74 -1.46
C ASN A 243 -22.13 10.34 -1.30
N THR A 244 -20.82 10.30 -1.01
CA THR A 244 -20.13 9.08 -0.58
C THR A 244 -19.35 9.38 0.70
N GLU A 245 -19.26 8.38 1.58
CA GLU A 245 -18.80 8.60 2.94
C GLU A 245 -17.72 7.58 3.32
N CYS A 246 -17.10 7.73 4.49
CA CYS A 246 -16.15 6.80 5.13
C CYS A 246 -15.89 7.25 6.56
N THR A 247 -15.20 6.39 7.28
CA THR A 247 -14.92 6.51 8.70
C THR A 247 -13.40 6.55 8.88
N CYS A 248 -12.94 7.23 9.92
CA CYS A 248 -11.55 7.16 10.33
C CYS A 248 -11.48 7.41 11.82
N LYS A 249 -10.41 6.90 12.45
CA LYS A 249 -10.28 6.93 13.90
C LYS A 249 -8.92 7.53 14.26
N PHE A 250 -8.92 8.84 14.53
CA PHE A 250 -7.74 9.55 14.99
C PHE A 250 -7.95 10.04 16.42
N LYS A 251 -7.00 9.71 17.30
CA LYS A 251 -7.05 10.02 18.74
C LYS A 251 -8.28 9.42 19.40
N ASN A 252 -8.79 8.32 18.84
CA ASN A 252 -9.99 7.57 19.18
C ASN A 252 -11.25 8.35 18.79
N ASN A 253 -11.14 9.61 18.37
CA ASN A 253 -12.26 10.35 17.81
C ASN A 253 -12.51 9.89 16.38
N ASN A 254 -13.77 9.91 15.99
CA ASN A 254 -14.17 9.47 14.65
C ASN A 254 -14.19 10.68 13.72
N TYR A 255 -13.19 10.78 12.86
CA TYR A 255 -13.16 11.79 11.80
C TYR A 255 -13.68 11.16 10.51
N LYS A 256 -14.67 11.79 9.89
CA LYS A 256 -15.31 11.27 8.70
C LYS A 256 -15.23 12.29 7.57
N ILE A 257 -15.01 11.75 6.36
CA ILE A 257 -14.85 12.63 5.16
C ILE A 257 -16.08 12.45 4.27
N VAL A 258 -16.54 13.54 3.68
CA VAL A 258 -17.71 13.56 2.80
C VAL A 258 -17.31 14.11 1.45
N LEU A 259 -17.56 13.34 0.39
CA LEU A 259 -17.18 13.68 -0.97
C LEU A 259 -18.42 13.92 -1.83
N LYS A 260 -18.45 15.06 -2.51
CA LYS A 260 -19.52 15.46 -3.40
C LYS A 260 -18.94 16.00 -4.70
N PRO A 261 -19.67 15.86 -5.82
CA PRO A 261 -19.26 16.47 -7.09
C PRO A 261 -19.23 18.00 -7.03
N GLN B 1 -17.83 30.19 30.07
CA GLN B 1 -17.95 31.51 29.48
C GLN B 1 -18.99 31.51 28.35
N VAL B 2 -19.32 30.32 27.87
CA VAL B 2 -20.30 30.14 26.80
C VAL B 2 -21.44 29.30 27.34
N GLN B 3 -22.66 29.83 27.22
CA GLN B 3 -23.85 29.13 27.70
C GLN B 3 -25.07 29.70 26.99
N LEU B 4 -26.16 28.93 27.03
CA LEU B 4 -27.44 29.35 26.49
C LEU B 4 -28.41 29.55 27.64
N VAL B 5 -29.00 30.75 27.72
CA VAL B 5 -29.90 31.12 28.80
C VAL B 5 -31.28 31.38 28.22
N GLN B 6 -32.30 30.76 28.80
CA GLN B 6 -33.67 30.89 28.36
C GLN B 6 -34.47 31.74 29.34
N SER B 7 -35.73 31.95 29.02
CA SER B 7 -36.61 32.71 29.89
C SER B 7 -36.95 31.90 31.14
N GLY B 8 -37.38 32.60 32.18
CA GLY B 8 -37.75 31.95 33.43
C GLY B 8 -39.05 31.18 33.30
N ALA B 9 -39.34 30.41 34.34
CA ALA B 9 -40.55 29.60 34.37
C ALA B 9 -41.79 30.48 34.38
N GLU B 10 -42.75 30.15 33.53
CA GLU B 10 -43.98 30.92 33.38
C GLU B 10 -45.17 30.00 33.40
N VAL B 11 -46.30 30.52 33.90
CA VAL B 11 -47.56 29.80 33.97
C VAL B 11 -48.58 30.57 33.16
N ARG B 12 -49.22 29.88 32.21
CA ARG B 12 -50.21 30.50 31.34
C ARG B 12 -51.48 29.67 31.37
N LYS B 13 -52.63 30.35 31.37
CA LYS B 13 -53.91 29.67 31.33
C LYS B 13 -54.14 29.02 29.96
N PRO B 14 -54.96 27.98 29.89
CA PRO B 14 -55.22 27.34 28.60
C PRO B 14 -55.90 28.29 27.62
N GLY B 15 -55.52 28.17 26.36
CA GLY B 15 -56.04 29.03 25.31
C GLY B 15 -55.32 30.35 25.15
N ALA B 16 -54.35 30.65 26.00
CA ALA B 16 -53.61 31.90 25.94
C ALA B 16 -52.37 31.71 25.07
N SER B 17 -51.47 32.69 25.09
CA SER B 17 -50.24 32.65 24.31
C SER B 17 -49.03 32.77 25.23
N VAL B 18 -47.99 32.00 24.93
CA VAL B 18 -46.75 32.00 25.69
C VAL B 18 -45.59 32.22 24.74
N LYS B 19 -44.71 33.17 25.07
CA LYS B 19 -43.53 33.48 24.29
C LYS B 19 -42.29 33.03 25.04
N VAL B 20 -41.45 32.23 24.38
CA VAL B 20 -40.24 31.69 24.97
C VAL B 20 -39.04 32.23 24.21
N SER B 21 -38.08 32.78 24.94
CA SER B 21 -36.91 33.40 24.34
C SER B 21 -35.67 32.53 24.54
N CYS B 22 -34.77 32.57 23.55
CA CYS B 22 -33.50 31.83 23.59
C CYS B 22 -32.43 32.75 23.02
N ARG B 23 -31.72 33.43 23.92
CA ARG B 23 -30.65 34.35 23.52
C ARG B 23 -29.31 33.64 23.53
N THR B 24 -28.49 33.93 22.53
CA THR B 24 -27.18 33.31 22.39
C THR B 24 -26.11 34.30 22.83
N SER B 25 -25.57 34.09 24.03
CA SER B 25 -24.57 34.99 24.57
C SER B 25 -23.17 34.65 24.09
N GLY B 26 -22.71 33.43 24.39
CA GLY B 26 -21.35 33.06 24.05
C GLY B 26 -21.11 32.92 22.55
N TYR B 27 -22.10 32.39 21.83
CA TYR B 27 -21.95 32.06 20.42
C TYR B 27 -22.69 33.08 19.57
N THR B 28 -22.04 33.53 18.50
CA THR B 28 -22.68 34.46 17.57
C THR B 28 -23.82 33.76 16.84
N PHE B 29 -24.94 34.47 16.69
CA PHE B 29 -26.12 33.90 16.08
C PHE B 29 -25.95 33.86 14.56
N THR B 30 -26.83 33.10 13.90
CA THR B 30 -26.91 32.81 12.47
C THR B 30 -25.77 31.90 11.99
N ASP B 31 -24.85 31.52 12.87
CA ASP B 31 -23.84 30.52 12.49
C ASP B 31 -24.42 29.10 12.56
N TYR B 32 -25.41 28.88 13.42
CA TYR B 32 -25.93 27.55 13.69
C TYR B 32 -27.44 27.52 13.47
N TYR B 33 -27.95 26.33 13.13
CA TYR B 33 -29.40 26.13 13.11
C TYR B 33 -29.98 26.33 14.50
N MET B 34 -31.24 26.77 14.55
CA MET B 34 -31.95 26.94 15.81
C MET B 34 -33.11 25.95 15.86
N HIS B 35 -33.14 25.12 16.89
CA HIS B 35 -34.14 24.08 17.05
C HIS B 35 -34.82 24.21 18.41
N TRP B 36 -36.08 23.82 18.45
CA TRP B 36 -36.90 23.88 19.66
C TRP B 36 -37.41 22.48 19.98
N VAL B 37 -37.11 22.00 21.18
CA VAL B 37 -37.50 20.67 21.63
C VAL B 37 -38.18 20.80 22.98
N ARG B 38 -39.35 20.17 23.13
CA ARG B 38 -40.11 20.21 24.36
C ARG B 38 -40.26 18.79 24.91
N GLN B 39 -40.15 18.67 26.23
CA GLN B 39 -40.26 17.39 26.92
C GLN B 39 -41.47 17.43 27.84
N ALA B 40 -42.51 16.67 27.50
CA ALA B 40 -43.67 16.56 28.36
C ALA B 40 -43.29 15.85 29.66
N PRO B 41 -43.92 16.21 30.79
CA PRO B 41 -43.57 15.58 32.08
C PRO B 41 -43.73 14.07 32.07
N GLY B 42 -42.63 13.36 32.33
CA GLY B 42 -42.65 11.91 32.25
C GLY B 42 -42.91 11.37 30.86
N GLU B 43 -42.30 11.97 29.85
CA GLU B 43 -42.50 11.56 28.47
C GLU B 43 -41.25 11.88 27.66
N GLY B 44 -41.15 11.27 26.49
CA GLY B 44 -40.01 11.48 25.63
C GLY B 44 -39.99 12.87 25.01
N LEU B 45 -38.81 13.26 24.55
CA LEU B 45 -38.63 14.57 23.94
C LEU B 45 -39.33 14.64 22.59
N GLU B 46 -39.75 15.85 22.22
CA GLU B 46 -40.39 16.09 20.94
C GLU B 46 -39.85 17.39 20.37
N TRP B 47 -39.19 17.30 19.22
CA TRP B 47 -38.63 18.47 18.54
C TRP B 47 -39.77 19.23 17.87
N MET B 48 -39.90 20.51 18.20
CA MET B 48 -41.01 21.31 17.70
C MET B 48 -40.77 21.76 16.25
N GLY B 49 -39.70 22.50 16.02
CA GLY B 49 -39.44 23.00 14.68
C GLY B 49 -38.03 23.54 14.57
N SER B 50 -37.62 23.77 13.33
CA SER B 50 -36.30 24.26 13.01
C SER B 50 -36.40 25.45 12.07
N ILE B 51 -35.55 26.45 12.31
CA ILE B 51 -35.47 27.63 11.45
C ILE B 51 -34.05 27.71 10.90
N ASN B 52 -33.95 27.90 9.59
CA ASN B 52 -32.64 28.03 8.95
C ASN B 52 -32.04 29.38 9.30
N PRO B 53 -30.74 29.45 9.64
CA PRO B 53 -30.15 30.74 10.01
C PRO B 53 -29.95 31.68 8.83
N LYS B 54 -29.58 31.16 7.65
CA LYS B 54 -29.31 32.02 6.51
C LYS B 54 -30.58 32.69 6.00
N SER B 55 -31.65 31.90 5.83
CA SER B 55 -32.92 32.41 5.33
C SER B 55 -34.04 31.82 6.17
N GLY B 56 -35.18 32.50 6.18
CA GLY B 56 -36.32 32.09 6.98
C GLY B 56 -36.82 30.69 6.70
N GLY B 57 -37.01 29.89 7.75
CA GLY B 57 -37.40 28.52 7.59
C GLY B 57 -38.78 28.20 8.14
N THR B 58 -39.60 27.54 7.35
CA THR B 58 -40.96 27.16 7.73
C THR B 58 -41.06 25.72 8.20
N SER B 59 -39.92 25.07 8.46
CA SER B 59 -39.93 23.67 8.88
C SER B 59 -40.44 23.55 10.32
N TYR B 60 -41.63 22.99 10.47
CA TYR B 60 -42.22 22.72 11.78
C TYR B 60 -42.80 21.31 11.78
N ALA B 61 -42.97 20.76 12.98
CA ALA B 61 -43.61 19.47 13.12
C ALA B 61 -45.06 19.54 12.70
N GLU B 62 -45.58 18.41 12.20
CA GLU B 62 -46.97 18.35 11.78
C GLU B 62 -47.93 18.60 12.94
N ARG B 63 -47.59 18.08 14.12
CA ARG B 63 -48.43 18.28 15.30
C ARG B 63 -48.43 19.74 15.73
N PHE B 64 -47.29 20.42 15.65
CA PHE B 64 -47.15 21.80 16.08
C PHE B 64 -47.11 22.78 14.91
N GLN B 65 -47.67 22.42 13.76
CA GLN B 65 -47.59 23.30 12.60
C GLN B 65 -48.51 24.51 12.74
N GLY B 66 -49.73 24.30 13.25
CA GLY B 66 -50.71 25.37 13.25
C GLY B 66 -50.37 26.52 14.20
N ARG B 67 -49.88 26.19 15.39
CA ARG B 67 -49.79 27.16 16.48
C ARG B 67 -48.38 27.60 16.81
N VAL B 68 -47.37 27.21 16.03
CA VAL B 68 -45.99 27.62 16.28
C VAL B 68 -45.58 28.61 15.20
N THR B 69 -45.09 29.77 15.62
CA THR B 69 -44.55 30.79 14.72
C THR B 69 -43.20 31.21 15.27
N MET B 70 -42.13 30.79 14.60
CA MET B 70 -40.77 31.03 15.06
C MET B 70 -40.18 32.19 14.28
N THR B 71 -39.76 33.24 14.98
CA THR B 71 -39.21 34.43 14.37
C THR B 71 -37.76 34.62 14.82
N MET B 72 -36.97 35.19 13.92
CA MET B 72 -35.56 35.50 14.19
C MET B 72 -35.34 36.98 13.86
N GLU B 73 -35.11 37.77 14.92
CA GLU B 73 -34.89 39.20 14.74
C GLU B 73 -33.44 39.49 14.37
N THR B 74 -32.50 38.81 15.01
CA THR B 74 -31.05 38.88 14.84
C THR B 74 -30.47 40.23 15.29
N SER B 75 -31.30 41.19 15.71
CA SER B 75 -30.77 42.44 16.23
C SER B 75 -30.14 42.24 17.60
N VAL B 76 -30.80 41.48 18.47
CA VAL B 76 -30.25 41.10 19.76
C VAL B 76 -29.69 39.69 19.77
N SER B 77 -29.70 39.01 18.61
CA SER B 77 -29.18 37.64 18.46
C SER B 77 -29.91 36.67 19.37
N THR B 78 -31.21 36.87 19.54
CA THR B 78 -32.05 36.02 20.38
C THR B 78 -33.06 35.28 19.53
N ALA B 79 -33.32 34.02 19.90
CA ALA B 79 -34.31 33.20 19.22
C ALA B 79 -35.63 33.24 19.98
N TYR B 80 -36.72 33.54 19.27
CA TYR B 80 -38.02 33.72 19.88
C TYR B 80 -38.97 32.66 19.37
N LEU B 81 -39.67 31.99 20.30
CA LEU B 81 -40.71 31.03 19.99
C LEU B 81 -42.05 31.59 20.43
N ASP B 82 -42.95 31.80 19.49
CA ASP B 82 -44.30 32.28 19.78
C ASP B 82 -45.25 31.09 19.74
N LEU B 83 -45.84 30.78 20.89
CA LEU B 83 -46.73 29.64 21.03
C LEU B 83 -48.08 30.12 21.57
N SER B 84 -49.16 29.65 20.97
CA SER B 84 -50.51 30.04 21.37
C SER B 84 -51.44 28.84 21.26
N SER B 85 -52.69 29.05 21.67
CA SER B 85 -53.72 28.01 21.71
C SER B 85 -53.28 26.80 22.52
N LEU B 86 -52.80 27.08 23.74
CA LEU B 86 -52.28 26.04 24.61
C LEU B 86 -53.39 25.11 25.08
N ARG B 87 -52.99 23.90 25.47
CA ARG B 87 -53.90 22.87 25.94
C ARG B 87 -53.13 21.94 26.86
N SER B 88 -53.78 20.83 27.24
CA SER B 88 -53.13 19.86 28.13
C SER B 88 -51.94 19.19 27.45
N ASP B 89 -51.95 19.11 26.13
CA ASP B 89 -50.83 18.56 25.37
C ASP B 89 -49.80 19.61 24.99
N ASP B 90 -49.99 20.86 25.42
CA ASP B 90 -49.07 21.95 25.09
C ASP B 90 -48.27 22.43 26.31
N THR B 91 -48.19 21.62 27.36
CA THR B 91 -47.37 21.94 28.51
C THR B 91 -46.18 20.97 28.57
N ALA B 92 -44.99 21.53 28.73
CA ALA B 92 -43.75 20.78 28.68
C ALA B 92 -42.63 21.70 29.18
N VAL B 93 -41.42 21.13 29.25
CA VAL B 93 -40.21 21.90 29.48
C VAL B 93 -39.50 22.09 28.15
N TYR B 94 -39.27 23.34 27.77
CA TYR B 94 -38.82 23.67 26.43
C TYR B 94 -37.32 23.88 26.40
N TYR B 95 -36.70 23.40 25.32
CA TYR B 95 -35.24 23.39 25.18
C TYR B 95 -34.88 23.90 23.80
N CYS B 96 -33.98 24.88 23.76
CA CYS B 96 -33.46 25.41 22.50
C CYS B 96 -32.03 24.93 22.31
N ALA B 97 -31.75 24.42 21.10
CA ALA B 97 -30.46 23.80 20.82
C ALA B 97 -29.99 24.19 19.44
N ARG B 98 -28.68 24.09 19.22
CA ARG B 98 -28.04 24.55 18.00
C ARG B 98 -27.23 23.44 17.34
N LEU B 99 -27.32 23.37 16.01
CA LEU B 99 -26.45 22.52 15.20
C LEU B 99 -25.92 23.34 14.03
N LEU B 100 -24.71 23.01 13.60
CA LEU B 100 -24.02 23.82 12.59
C LEU B 100 -24.78 23.83 11.27
N TYR B 101 -24.86 25.01 10.66
CA TYR B 101 -25.53 25.18 9.39
C TYR B 101 -24.63 24.70 8.26
N SER B 102 -25.13 23.76 7.47
CA SER B 102 -24.40 23.22 6.33
C SER B 102 -25.37 23.00 5.17
N ARG B 103 -24.81 22.85 3.97
CA ARG B 103 -25.63 22.66 2.78
C ARG B 103 -26.44 21.36 2.87
N ALA B 104 -25.84 20.30 3.40
CA ALA B 104 -26.57 19.09 3.78
C ALA B 104 -26.65 19.06 5.30
N VAL B 105 -27.81 18.70 5.84
CA VAL B 105 -28.11 18.96 7.25
C VAL B 105 -27.98 17.71 8.12
N TYR B 106 -27.88 16.52 7.52
CA TYR B 106 -27.97 15.28 8.32
C TYR B 106 -26.80 15.16 9.29
N TYR B 107 -25.61 15.56 8.88
CA TYR B 107 -24.48 15.60 9.79
C TYR B 107 -24.57 16.80 10.73
N TYR B 108 -23.83 16.69 11.84
CA TYR B 108 -23.73 17.62 12.97
C TYR B 108 -24.92 17.41 13.90
N GLY B 109 -24.73 17.61 15.19
CA GLY B 109 -25.83 17.44 16.13
C GLY B 109 -26.01 18.64 17.03
N MET B 110 -26.95 18.53 17.97
CA MET B 110 -27.22 19.62 18.92
C MET B 110 -26.26 19.51 20.10
N ASP B 111 -25.10 20.13 19.93
CA ASP B 111 -24.05 20.07 20.95
C ASP B 111 -24.44 20.83 22.21
N VAL B 112 -25.01 22.02 22.06
CA VAL B 112 -25.34 22.88 23.19
C VAL B 112 -26.86 23.06 23.25
N TRP B 113 -27.42 22.93 24.45
CA TRP B 113 -28.84 23.07 24.69
C TRP B 113 -29.10 24.18 25.71
N GLY B 114 -30.32 24.71 25.68
CA GLY B 114 -30.66 25.81 26.55
C GLY B 114 -30.83 25.40 27.99
N GLN B 115 -31.00 26.41 28.85
CA GLN B 115 -31.19 26.17 30.27
C GLN B 115 -32.49 25.43 30.56
N GLY B 116 -33.55 25.80 29.85
CA GLY B 116 -34.85 25.17 30.04
C GLY B 116 -35.90 26.11 30.61
N THR B 117 -37.03 26.22 29.92
CA THR B 117 -38.14 27.04 30.36
C THR B 117 -39.33 26.14 30.66
N THR B 118 -39.85 26.22 31.89
CA THR B 118 -40.97 25.41 32.32
C THR B 118 -42.27 26.18 32.09
N VAL B 119 -43.18 25.58 31.32
CA VAL B 119 -44.46 26.20 30.99
C VAL B 119 -45.56 25.33 31.56
N THR B 120 -46.44 25.93 32.36
CA THR B 120 -47.55 25.25 33.00
C THR B 120 -48.86 25.73 32.38
N VAL B 121 -49.70 24.80 31.97
CA VAL B 121 -50.96 25.13 31.35
C VAL B 121 -52.13 24.55 32.14
N TYR C 1 -40.81 9.46 9.62
CA TYR C 1 -41.37 8.18 10.06
C TYR C 1 -41.24 8.06 11.58
N GLU C 2 -41.26 6.84 12.12
CA GLU C 2 -41.18 6.65 13.56
C GLU C 2 -40.01 5.72 13.88
N LEU C 3 -39.32 6.05 14.98
CA LEU C 3 -38.17 5.28 15.45
C LEU C 3 -38.63 4.32 16.54
N THR C 4 -38.36 3.03 16.33
CA THR C 4 -38.85 1.99 17.23
C THR C 4 -37.77 1.57 18.25
N GLN C 5 -37.38 2.55 19.06
CA GLN C 5 -36.48 2.28 20.16
C GLN C 5 -37.19 1.43 21.21
N PRO C 6 -36.49 0.51 21.88
CA PRO C 6 -37.13 -0.32 22.92
C PRO C 6 -37.60 0.53 24.09
N PRO C 7 -38.67 0.11 24.77
CA PRO C 7 -39.17 0.90 25.91
C PRO C 7 -38.21 0.94 27.09
N SER C 8 -37.31 -0.02 27.23
CA SER C 8 -36.38 -0.04 28.35
C SER C 8 -35.20 -0.93 28.01
N VAL C 9 -34.10 -0.69 28.71
CA VAL C 9 -32.89 -1.51 28.59
C VAL C 9 -32.37 -1.78 30.01
N SER C 10 -32.08 -3.04 30.32
CA SER C 10 -31.63 -3.44 31.65
C SER C 10 -30.18 -3.89 31.58
N VAL C 11 -29.33 -3.26 32.39
CA VAL C 11 -27.88 -3.42 32.32
C VAL C 11 -27.33 -3.52 33.74
N ALA C 12 -26.19 -4.19 33.89
CA ALA C 12 -25.47 -4.32 35.14
C ALA C 12 -24.21 -3.46 35.08
N PRO C 13 -23.69 -3.02 36.23
CA PRO C 13 -22.46 -2.20 36.22
C PRO C 13 -21.27 -2.98 35.66
N GLY C 14 -20.39 -2.25 34.97
CA GLY C 14 -19.25 -2.85 34.31
C GLY C 14 -19.63 -3.79 33.19
N LYS C 15 -20.48 -3.32 32.28
CA LYS C 15 -20.93 -4.14 31.17
C LYS C 15 -21.22 -3.23 29.98
N THR C 16 -21.48 -3.85 28.83
CA THR C 16 -21.84 -3.14 27.62
C THR C 16 -23.35 -3.04 27.51
N ALA C 17 -23.83 -1.85 27.16
CA ALA C 17 -25.25 -1.58 26.96
C ALA C 17 -25.49 -1.25 25.50
N ARG C 18 -26.48 -1.91 24.90
CA ARG C 18 -26.82 -1.70 23.50
C ARG C 18 -28.23 -1.14 23.40
N ILE C 19 -28.36 0.08 22.90
CA ILE C 19 -29.64 0.70 22.61
C ILE C 19 -29.80 0.71 21.10
N THR C 20 -30.77 -0.05 20.59
CA THR C 20 -30.98 -0.19 19.16
C THR C 20 -31.97 0.87 18.70
N CYS C 21 -31.55 1.70 17.75
CA CYS C 21 -32.42 2.68 17.12
C CYS C 21 -32.94 2.06 15.83
N GLY C 22 -34.22 1.70 15.82
CA GLY C 22 -34.81 0.97 14.71
C GLY C 22 -35.62 1.88 13.81
N GLY C 23 -35.37 1.77 12.51
CA GLY C 23 -36.11 2.53 11.53
C GLY C 23 -35.89 1.98 10.14
N LYS C 24 -36.82 2.31 9.25
CA LYS C 24 -36.74 1.84 7.87
C LYS C 24 -35.65 2.61 7.13
N ASP C 25 -34.68 1.87 6.59
CA ASP C 25 -33.53 2.41 5.85
C ASP C 25 -32.82 3.46 6.70
N LEU C 26 -32.54 3.08 7.95
CA LEU C 26 -31.87 3.95 8.90
C LEU C 26 -30.36 3.98 8.69
N GLY C 27 -29.81 3.06 7.90
CA GLY C 27 -28.40 3.16 7.54
C GLY C 27 -28.09 4.37 6.68
N SER C 28 -29.03 4.77 5.83
CA SER C 28 -28.84 5.91 4.95
C SER C 28 -29.20 7.23 5.61
N LYS C 29 -29.59 7.22 6.89
CA LYS C 29 -30.01 8.44 7.57
C LYS C 29 -29.33 8.54 8.93
N SER C 30 -28.73 9.69 9.19
CA SER C 30 -27.89 9.88 10.37
C SER C 30 -28.71 9.86 11.66
N VAL C 31 -28.16 9.25 12.70
CA VAL C 31 -28.75 9.26 14.03
C VAL C 31 -27.88 10.11 14.95
N HIS C 32 -28.54 10.88 15.82
CA HIS C 32 -27.87 11.70 16.83
C HIS C 32 -28.40 11.30 18.20
N TRP C 33 -27.50 10.88 19.08
CA TRP C 33 -27.86 10.37 20.39
C TRP C 33 -27.72 11.45 21.45
N TYR C 34 -28.74 11.58 22.30
CA TYR C 34 -28.77 12.61 23.33
C TYR C 34 -29.04 11.95 24.68
N GLN C 35 -28.17 12.24 25.65
CA GLN C 35 -28.31 11.69 26.99
C GLN C 35 -29.23 12.60 27.82
N GLN C 36 -30.37 12.05 28.24
CA GLN C 36 -31.37 12.78 29.00
C GLN C 36 -31.30 12.36 30.46
N LYS C 37 -30.75 13.21 31.30
CA LYS C 37 -30.85 13.08 32.74
C LYS C 37 -32.24 13.53 33.20
N PRO C 38 -32.67 13.18 34.42
CA PRO C 38 -34.03 13.55 34.84
C PRO C 38 -34.31 15.04 34.81
N GLY C 39 -33.34 15.87 35.16
CA GLY C 39 -33.57 17.31 35.14
C GLY C 39 -32.64 18.08 34.22
N GLN C 40 -31.44 17.56 34.01
CA GLN C 40 -30.47 18.24 33.16
C GLN C 40 -30.81 18.12 31.67
N ALA C 41 -30.36 19.11 30.91
CA ALA C 41 -30.66 19.21 29.50
C ALA C 41 -30.06 18.05 28.72
N PRO C 42 -30.61 17.71 27.53
CA PRO C 42 -30.02 16.64 26.71
C PRO C 42 -28.56 16.88 26.35
N VAL C 43 -27.67 16.03 26.84
CA VAL C 43 -26.25 16.11 26.55
C VAL C 43 -25.99 15.24 25.32
N LEU C 44 -25.52 15.86 24.24
CA LEU C 44 -25.18 15.12 23.04
C LEU C 44 -24.01 14.19 23.32
N VAL C 45 -24.18 12.91 23.02
CA VAL C 45 -23.13 11.94 23.30
C VAL C 45 -22.61 11.29 22.03
N ILE C 46 -23.46 11.14 21.01
CA ILE C 46 -23.06 10.70 19.66
C ILE C 46 -23.79 11.57 18.65
N TYR C 47 -23.05 12.14 17.69
CA TYR C 47 -23.68 12.80 16.56
C TYR C 47 -23.06 12.25 15.28
N TYR C 48 -23.88 12.20 14.23
CA TYR C 48 -23.53 11.63 12.92
C TYR C 48 -23.07 10.18 13.11
N ASP C 49 -23.75 9.50 14.04
CA ASP C 49 -23.88 8.06 14.32
C ASP C 49 -22.61 7.34 14.74
N ASN C 50 -21.46 8.01 14.76
CA ASN C 50 -20.29 7.43 15.41
C ASN C 50 -19.34 8.42 16.04
N ILE C 51 -19.60 9.72 15.98
CA ILE C 51 -18.62 10.71 16.41
C ILE C 51 -18.87 11.06 17.87
N ARG C 52 -17.82 11.00 18.67
CA ARG C 52 -17.56 11.37 20.05
C ARG C 52 -17.27 12.87 20.14
N PRO C 53 -17.98 13.61 21.00
CA PRO C 53 -17.75 15.05 21.11
C PRO C 53 -16.40 15.36 21.74
N SER C 54 -16.07 16.65 21.72
CA SER C 54 -14.80 17.09 22.30
C SER C 54 -14.76 16.84 23.81
N GLY C 55 -15.85 17.14 24.51
CA GLY C 55 -15.89 16.90 25.95
C GLY C 55 -16.89 15.82 26.35
N ILE C 56 -16.37 14.65 26.70
CA ILE C 56 -17.17 13.47 27.04
C ILE C 56 -16.18 12.40 27.53
N PRO C 57 -16.55 11.53 28.47
CA PRO C 57 -15.69 10.37 28.74
C PRO C 57 -15.65 9.40 27.58
N GLU C 58 -14.52 8.69 27.48
CA GLU C 58 -14.20 7.90 26.29
C GLU C 58 -15.11 6.70 26.11
N ARG C 59 -15.75 6.24 27.19
CA ARG C 59 -16.50 4.98 27.14
C ARG C 59 -17.70 5.05 26.20
N PHE C 60 -18.26 6.25 26.00
CA PHE C 60 -19.40 6.40 25.09
C PHE C 60 -18.99 6.08 23.66
N SER C 61 -19.81 5.27 22.98
CA SER C 61 -19.55 4.92 21.59
C SER C 61 -20.85 4.50 20.94
N GLY C 62 -20.85 4.50 19.61
CA GLY C 62 -22.03 4.12 18.86
C GLY C 62 -21.77 3.92 17.38
N SER C 63 -22.57 3.07 16.74
CA SER C 63 -22.43 2.82 15.31
C SER C 63 -23.80 2.56 14.71
N ASN C 64 -23.91 2.79 13.41
CA ASN C 64 -25.14 2.55 12.65
C ASN C 64 -24.82 1.59 11.51
N SER C 65 -25.56 0.49 11.46
CA SER C 65 -25.36 -0.53 10.43
C SER C 65 -26.69 -1.13 10.05
N GLY C 66 -26.99 -1.15 8.75
CA GLY C 66 -28.26 -1.69 8.30
C GLY C 66 -29.42 -0.83 8.78
N ASN C 67 -30.44 -1.47 9.34
CA ASN C 67 -31.64 -0.78 9.78
C ASN C 67 -31.64 -0.51 11.28
N THR C 68 -30.51 -0.74 11.96
CA THR C 68 -30.43 -0.55 13.41
C THR C 68 -29.16 0.22 13.76
N ALA C 69 -29.30 1.16 14.69
CA ALA C 69 -28.17 1.92 15.22
C ALA C 69 -28.02 1.61 16.69
N THR C 70 -26.83 1.20 17.09
CA THR C 70 -26.55 0.79 18.46
C THR C 70 -25.63 1.79 19.13
N LEU C 71 -26.04 2.29 20.29
CA LEU C 71 -25.19 3.09 21.18
C LEU C 71 -24.49 2.11 22.12
N THR C 72 -23.25 1.78 21.82
CA THR C 72 -22.45 0.90 22.66
C THR C 72 -21.78 1.76 23.72
N ILE C 73 -22.46 1.96 24.85
CA ILE C 73 -21.85 2.60 26.01
C ILE C 73 -21.17 1.50 26.83
N SER C 74 -19.93 1.19 26.45
CA SER C 74 -19.16 0.18 27.15
C SER C 74 -18.76 0.69 28.54
N ARG C 75 -18.52 -0.26 29.44
CA ARG C 75 -18.12 0.02 30.83
C ARG C 75 -19.15 0.92 31.53
N VAL C 76 -20.37 0.39 31.65
CA VAL C 76 -21.45 1.14 32.29
C VAL C 76 -21.12 1.32 33.77
N GLU C 77 -21.17 2.57 34.22
CA GLU C 77 -20.84 2.92 35.60
C GLU C 77 -21.86 3.92 36.12
N ALA C 78 -21.66 4.36 37.36
CA ALA C 78 -22.54 5.35 37.95
C ALA C 78 -22.44 6.67 37.19
N GLY C 79 -23.58 7.35 37.06
CA GLY C 79 -23.66 8.56 36.27
C GLY C 79 -24.20 8.36 34.86
N ASP C 80 -24.37 7.11 34.43
CA ASP C 80 -24.94 6.82 33.12
C ASP C 80 -26.42 6.54 33.16
N GLU C 81 -27.07 6.69 34.32
CA GLU C 81 -28.49 6.45 34.44
C GLU C 81 -29.27 7.56 33.74
N ALA C 82 -29.65 7.32 32.48
CA ALA C 82 -30.25 8.36 31.67
C ALA C 82 -31.05 7.72 30.55
N ASP C 83 -31.82 8.56 29.86
CA ASP C 83 -32.57 8.16 28.67
C ASP C 83 -31.81 8.62 27.44
N TYR C 84 -31.54 7.68 26.53
CA TYR C 84 -30.78 7.97 25.32
C TYR C 84 -31.71 7.92 24.13
N TYR C 85 -31.93 9.08 23.51
CA TYR C 85 -32.80 9.22 22.35
C TYR C 85 -31.95 9.41 21.10
N CYS C 86 -32.29 8.68 20.04
CA CYS C 86 -31.67 8.86 18.74
C CYS C 86 -32.53 9.79 17.90
N GLN C 87 -31.91 10.79 17.27
CA GLN C 87 -32.62 11.74 16.43
C GLN C 87 -32.18 11.56 14.98
N VAL C 88 -33.16 11.53 14.09
CA VAL C 88 -32.93 11.34 12.66
C VAL C 88 -33.56 12.52 11.94
N TRP C 89 -32.79 13.17 11.07
CA TRP C 89 -33.35 14.19 10.19
C TRP C 89 -33.95 13.51 8.98
N ASP C 90 -35.26 13.72 8.75
CA ASP C 90 -35.93 13.14 7.60
C ASP C 90 -35.78 14.10 6.41
N SER C 91 -35.09 13.64 5.37
CA SER C 91 -34.80 14.53 4.24
C SER C 91 -36.04 14.76 3.38
N SER C 92 -36.83 13.71 3.12
CA SER C 92 -37.98 13.85 2.24
C SER C 92 -39.04 14.77 2.82
N SER C 93 -39.31 14.65 4.12
CA SER C 93 -40.30 15.49 4.78
C SER C 93 -39.70 16.79 5.34
N ASP C 94 -38.37 16.92 5.34
CA ASP C 94 -37.67 18.10 5.86
C ASP C 94 -38.07 18.39 7.31
N HIS C 95 -38.15 17.35 8.12
CA HIS C 95 -38.46 17.49 9.54
C HIS C 95 -37.80 16.35 10.30
N TYR C 96 -37.06 16.70 11.35
CA TYR C 96 -36.36 15.69 12.14
C TYR C 96 -37.35 14.82 12.90
N VAL C 97 -37.14 13.51 12.88
CA VAL C 97 -37.95 12.57 13.63
C VAL C 97 -37.16 12.12 14.85
N PHE C 98 -37.79 12.20 16.03
CA PHE C 98 -37.09 12.06 17.30
C PHE C 98 -37.50 10.75 17.94
N GLY C 99 -36.50 10.01 18.45
CA GLY C 99 -36.77 8.69 18.99
C GLY C 99 -37.59 8.72 20.25
N ARG C 100 -38.33 7.63 20.47
CA ARG C 100 -39.16 7.51 21.67
C ARG C 100 -38.32 7.48 22.93
N GLY C 101 -37.20 6.75 22.91
CA GLY C 101 -36.29 6.73 24.04
C GLY C 101 -36.10 5.36 24.65
N ALA C 102 -35.02 5.20 25.41
CA ALA C 102 -34.75 3.92 26.08
C ALA C 102 -33.89 4.22 27.30
N LYS C 103 -34.51 4.15 28.48
CA LYS C 103 -33.79 4.37 29.73
C LYS C 103 -32.80 3.24 29.99
N VAL C 104 -31.61 3.60 30.46
CA VAL C 104 -30.58 2.64 30.83
C VAL C 104 -30.45 2.67 32.34
N THR C 105 -30.66 1.51 32.97
CA THR C 105 -30.59 1.37 34.42
C THR C 105 -29.45 0.43 34.77
N VAL C 106 -28.66 0.81 35.76
CA VAL C 106 -27.56 -0.03 36.23
C VAL C 106 -28.10 -1.09 37.19
N ILE D 1 33.00 -13.25 -28.38
CA ILE D 1 32.95 -12.01 -27.63
C ILE D 1 34.15 -11.90 -26.68
N GLN D 2 35.30 -11.53 -27.23
CA GLN D 2 36.53 -11.48 -26.44
C GLN D 2 36.49 -10.35 -25.42
N MET D 3 36.53 -10.71 -24.14
CA MET D 3 36.42 -9.79 -23.01
C MET D 3 37.80 -9.53 -22.41
N THR D 4 38.54 -8.60 -23.02
CA THR D 4 39.91 -8.32 -22.59
C THR D 4 39.97 -7.52 -21.30
N GLN D 5 40.72 -8.04 -20.31
CA GLN D 5 41.03 -7.37 -19.05
C GLN D 5 42.37 -6.63 -19.10
N SER D 6 42.43 -5.49 -19.81
CA SER D 6 43.59 -4.61 -20.03
C SER D 6 44.55 -4.54 -18.85
N PRO D 7 44.06 -4.46 -17.61
CA PRO D 7 44.95 -4.40 -16.45
C PRO D 7 45.52 -5.76 -16.04
N SER D 8 45.55 -6.73 -16.96
CA SER D 8 45.90 -8.11 -16.66
C SER D 8 47.23 -8.23 -15.91
N SER D 9 48.27 -7.57 -16.42
CA SER D 9 49.55 -7.55 -15.72
C SER D 9 49.44 -6.61 -14.52
N LEU D 10 49.70 -7.13 -13.33
CA LEU D 10 49.54 -6.35 -12.11
C LEU D 10 50.55 -6.81 -11.07
N SER D 11 50.87 -5.90 -10.14
CA SER D 11 51.79 -6.19 -9.04
C SER D 11 51.46 -5.22 -7.92
N ALA D 12 50.87 -5.72 -6.84
CA ALA D 12 50.35 -4.88 -5.77
C ALA D 12 50.98 -5.25 -4.44
N SER D 13 51.39 -4.23 -3.68
CA SER D 13 51.91 -4.43 -2.34
C SER D 13 50.78 -4.73 -1.37
N VAL D 14 51.11 -5.45 -0.29
CA VAL D 14 50.13 -5.81 0.72
C VAL D 14 49.66 -4.56 1.46
N GLY D 15 48.35 -4.46 1.67
CA GLY D 15 47.77 -3.31 2.33
C GLY D 15 47.43 -2.15 1.42
N ASP D 16 47.53 -2.33 0.11
CA ASP D 16 47.23 -1.28 -0.86
C ASP D 16 46.02 -1.69 -1.69
N ARG D 17 45.07 -0.77 -1.84
CA ARG D 17 43.88 -1.05 -2.64
C ARG D 17 44.24 -1.16 -4.11
N VAL D 18 43.41 -1.91 -4.84
CA VAL D 18 43.60 -2.16 -6.26
C VAL D 18 42.29 -1.90 -6.98
N THR D 19 42.38 -1.75 -8.29
CA THR D 19 41.19 -1.66 -9.13
C THR D 19 41.48 -2.38 -10.44
N ILE D 20 40.66 -3.39 -10.75
CA ILE D 20 40.83 -4.19 -11.96
C ILE D 20 39.65 -3.88 -12.88
N THR D 21 39.90 -3.11 -13.93
CA THR D 21 38.88 -2.80 -14.91
C THR D 21 38.76 -3.94 -15.91
N CYS D 22 37.54 -4.41 -16.13
CA CYS D 22 37.28 -5.52 -17.01
C CYS D 22 36.26 -5.09 -18.07
N ARG D 23 36.61 -5.25 -19.34
CA ARG D 23 35.84 -4.72 -20.44
C ARG D 23 35.58 -5.81 -21.48
N ALA D 24 34.38 -5.83 -22.04
CA ALA D 24 33.95 -6.82 -23.02
C ALA D 24 33.71 -6.16 -24.37
N SER D 25 33.38 -6.99 -25.36
CA SER D 25 33.20 -6.52 -26.73
C SER D 25 31.90 -5.74 -26.90
N GLN D 26 30.80 -6.27 -26.36
CA GLN D 26 29.49 -5.67 -26.49
C GLN D 26 28.92 -5.41 -25.10
N ILE D 27 27.80 -4.67 -25.06
CA ILE D 27 27.15 -4.39 -23.79
C ILE D 27 26.56 -5.68 -23.22
N ILE D 28 26.94 -5.98 -21.98
CA ILE D 28 26.50 -7.20 -21.30
C ILE D 28 25.90 -6.92 -19.93
N SER D 29 25.55 -5.67 -19.65
CA SER D 29 24.77 -5.23 -18.49
C SER D 29 25.49 -5.61 -17.20
N THR D 30 24.83 -6.26 -16.25
CA THR D 30 25.42 -6.56 -14.95
C THR D 30 25.62 -8.08 -14.78
N TYR D 31 25.66 -8.81 -15.90
CA TYR D 31 25.81 -10.26 -15.90
C TYR D 31 27.27 -10.67 -15.76
N LEU D 32 27.89 -10.23 -14.67
CA LEU D 32 29.30 -10.51 -14.40
C LEU D 32 29.51 -11.16 -13.05
N ASN D 33 30.38 -12.16 -13.02
CA ASN D 33 30.80 -12.79 -11.78
C ASN D 33 32.31 -12.82 -11.71
N TRP D 34 32.85 -12.58 -10.52
CA TRP D 34 34.29 -12.50 -10.29
C TRP D 34 34.75 -13.76 -9.58
N TYR D 35 35.80 -14.39 -10.10
CA TYR D 35 36.33 -15.61 -9.53
C TYR D 35 37.77 -15.39 -9.09
N GLN D 36 38.15 -16.05 -8.00
CA GLN D 36 39.52 -16.00 -7.48
C GLN D 36 40.16 -17.37 -7.72
N HIS D 37 41.09 -17.42 -8.67
CA HIS D 37 41.76 -18.66 -9.05
C HIS D 37 43.15 -18.68 -8.41
N LYS D 38 43.24 -19.32 -7.25
CA LYS D 38 44.53 -19.54 -6.61
C LYS D 38 45.37 -20.52 -7.45
N PRO D 39 46.70 -20.48 -7.31
CA PRO D 39 47.52 -21.46 -8.03
C PRO D 39 47.25 -22.87 -7.53
N GLY D 40 47.05 -23.79 -8.47
CA GLY D 40 46.49 -25.09 -8.11
C GLY D 40 45.08 -24.93 -7.60
N LYS D 41 44.70 -25.79 -6.65
CA LYS D 41 43.42 -25.75 -5.90
C LYS D 41 42.27 -25.64 -6.92
N ALA D 42 41.36 -24.68 -6.76
CA ALA D 42 40.24 -24.49 -7.66
C ALA D 42 39.84 -23.03 -7.61
N PRO D 43 39.22 -22.51 -8.67
CA PRO D 43 38.69 -21.14 -8.62
C PRO D 43 37.61 -21.01 -7.56
N LYS D 44 37.53 -19.83 -6.94
CA LYS D 44 36.54 -19.54 -5.92
C LYS D 44 35.73 -18.33 -6.35
N LEU D 45 34.41 -18.47 -6.40
CA LEU D 45 33.54 -17.36 -6.72
C LEU D 45 33.57 -16.33 -5.59
N LEU D 46 33.77 -15.07 -5.96
CA LEU D 46 33.84 -13.97 -4.99
C LEU D 46 32.58 -13.13 -4.98
N ILE D 47 32.15 -12.63 -6.14
CA ILE D 47 31.04 -11.70 -6.25
C ILE D 47 30.05 -12.29 -7.25
N LYS D 48 28.78 -12.34 -6.85
CA LYS D 48 27.71 -12.76 -7.75
C LYS D 48 27.03 -11.51 -8.31
N SER D 49 26.83 -11.49 -9.63
CA SER D 49 26.18 -10.42 -10.37
C SER D 49 26.91 -9.09 -10.27
N ALA D 50 28.12 -9.06 -9.71
CA ALA D 50 28.99 -7.90 -9.55
C ALA D 50 28.42 -6.84 -8.61
N SER D 51 27.24 -7.07 -8.02
CA SER D 51 26.64 -6.11 -7.11
C SER D 51 26.44 -6.67 -5.70
N THR D 52 26.51 -7.99 -5.51
CA THR D 52 26.34 -8.61 -4.20
C THR D 52 27.41 -9.68 -4.01
N LEU D 53 27.92 -9.77 -2.78
CA LEU D 53 29.08 -10.59 -2.47
C LEU D 53 28.66 -12.02 -2.13
N GLN D 54 29.43 -12.98 -2.63
CA GLN D 54 29.17 -14.38 -2.31
C GLN D 54 29.50 -14.67 -0.85
N SER D 55 28.66 -15.50 -0.22
CA SER D 55 28.88 -15.89 1.17
C SER D 55 30.19 -16.64 1.32
N GLY D 56 30.92 -16.32 2.39
CA GLY D 56 32.25 -16.84 2.60
C GLY D 56 33.37 -15.98 2.07
N VAL D 57 33.06 -14.81 1.52
CA VAL D 57 34.04 -13.86 1.02
C VAL D 57 34.13 -12.70 2.00
N PRO D 58 35.32 -12.31 2.46
CA PRO D 58 35.42 -11.24 3.46
C PRO D 58 34.98 -9.90 2.91
N SER D 59 34.81 -8.95 3.83
CA SER D 59 34.31 -7.62 3.50
C SER D 59 35.30 -6.81 2.68
N ARG D 60 36.55 -7.26 2.57
CA ARG D 60 37.55 -6.53 1.79
C ARG D 60 37.17 -6.47 0.32
N PHE D 61 36.69 -7.57 -0.24
CA PHE D 61 36.34 -7.62 -1.65
C PHE D 61 35.01 -6.91 -1.89
N SER D 62 34.93 -6.18 -3.00
CA SER D 62 33.72 -5.47 -3.38
C SER D 62 33.71 -5.27 -4.88
N GLY D 63 32.50 -5.23 -5.45
CA GLY D 63 32.33 -5.08 -6.89
C GLY D 63 31.59 -3.81 -7.24
N SER D 64 32.01 -3.17 -8.33
CA SER D 64 31.39 -1.95 -8.81
C SER D 64 31.33 -1.99 -10.33
N GLY D 65 30.58 -1.06 -10.89
CA GLY D 65 30.47 -0.93 -12.34
C GLY D 65 29.31 -1.72 -12.91
N SER D 66 28.85 -1.27 -14.08
CA SER D 66 27.73 -1.91 -14.76
C SER D 66 27.85 -1.64 -16.25
N GLY D 67 27.23 -2.51 -17.04
CA GLY D 67 27.18 -2.35 -18.47
C GLY D 67 28.41 -2.83 -19.21
N THR D 68 29.50 -2.06 -19.15
CA THR D 68 30.73 -2.41 -19.85
C THR D 68 31.94 -2.47 -18.93
N ASP D 69 32.14 -1.46 -18.09
CA ASP D 69 33.30 -1.40 -17.20
C ASP D 69 32.92 -1.84 -15.79
N PHE D 70 33.79 -2.65 -15.19
CA PHE D 70 33.55 -3.21 -13.85
C PHE D 70 34.81 -3.09 -13.02
N THR D 71 34.63 -2.99 -11.71
CA THR D 71 35.73 -2.65 -10.80
C THR D 71 35.76 -3.60 -9.62
N LEU D 72 36.98 -3.94 -9.21
CA LEU D 72 37.24 -4.66 -7.96
C LEU D 72 37.89 -3.71 -6.96
N THR D 73 37.38 -3.70 -5.74
CA THR D 73 37.93 -2.88 -4.67
C THR D 73 38.30 -3.78 -3.50
N ILE D 74 39.55 -3.73 -3.09
CA ILE D 74 40.05 -4.49 -1.94
C ILE D 74 40.49 -3.48 -0.88
N THR D 75 39.88 -3.57 0.30
CA THR D 75 40.21 -2.64 1.37
C THR D 75 41.63 -2.83 1.88
N SER D 76 42.04 -4.08 2.10
CA SER D 76 43.37 -4.39 2.59
C SER D 76 43.82 -5.70 1.96
N LEU D 77 44.97 -5.68 1.30
CA LEU D 77 45.47 -6.87 0.62
C LEU D 77 45.89 -7.93 1.62
N GLN D 78 45.63 -9.19 1.28
CA GLN D 78 45.94 -10.34 2.10
C GLN D 78 46.63 -11.39 1.26
N PRO D 79 47.45 -12.26 1.89
CA PRO D 79 48.02 -13.40 1.13
C PRO D 79 46.98 -14.32 0.52
N GLU D 80 45.83 -14.47 1.18
CA GLU D 80 44.75 -15.24 0.57
C GLU D 80 44.18 -14.53 -0.66
N ASP D 81 44.21 -13.19 -0.67
CA ASP D 81 43.72 -12.44 -1.82
C ASP D 81 44.59 -12.62 -3.05
N PHE D 82 45.86 -12.97 -2.86
CA PHE D 82 46.78 -13.30 -3.94
C PHE D 82 46.28 -14.45 -4.81
N ALA D 83 45.86 -14.15 -6.04
CA ALA D 83 45.42 -15.14 -7.02
C ALA D 83 45.15 -14.46 -8.35
N THR D 84 44.73 -15.26 -9.33
CA THR D 84 44.33 -14.78 -10.64
C THR D 84 42.81 -14.60 -10.68
N PHE D 85 42.37 -13.50 -11.29
CA PHE D 85 40.97 -13.14 -11.33
C PHE D 85 40.43 -13.15 -12.74
N TYR D 86 39.20 -13.66 -12.90
CA TYR D 86 38.58 -13.83 -14.20
C TYR D 86 37.18 -13.20 -14.19
N CYS D 87 36.73 -12.78 -15.37
CA CYS D 87 35.38 -12.28 -15.56
C CYS D 87 34.57 -13.31 -16.35
N GLN D 88 33.33 -13.54 -15.93
CA GLN D 88 32.42 -14.46 -16.61
C GLN D 88 31.29 -13.65 -17.24
N GLN D 89 31.17 -13.74 -18.56
CA GLN D 89 30.12 -13.04 -19.29
C GLN D 89 28.90 -13.95 -19.33
N SER D 90 27.98 -13.75 -18.38
CA SER D 90 26.80 -14.60 -18.28
C SER D 90 25.85 -14.38 -19.45
N TYR D 91 25.80 -13.17 -20.00
CA TYR D 91 24.99 -12.90 -21.17
C TYR D 91 25.53 -13.65 -22.39
N ARG D 92 24.61 -14.01 -23.28
CA ARG D 92 24.87 -14.73 -24.54
C ARG D 92 25.27 -16.19 -24.27
N ASP D 93 24.92 -17.09 -25.19
CA ASP D 93 25.08 -18.53 -24.95
C ASP D 93 26.53 -18.96 -24.72
N PRO D 94 27.52 -18.60 -25.54
CA PRO D 94 28.91 -18.88 -25.15
C PRO D 94 29.34 -18.00 -23.99
N ILE D 95 30.17 -18.57 -23.11
CA ILE D 95 30.65 -17.84 -21.94
C ILE D 95 32.14 -17.62 -22.08
N THR D 96 32.53 -16.42 -22.52
CA THR D 96 33.93 -16.09 -22.73
C THR D 96 34.52 -15.51 -21.45
N PHE D 97 35.48 -16.22 -20.87
CA PHE D 97 36.14 -15.72 -19.68
C PHE D 97 37.26 -14.74 -20.05
N GLY D 98 37.74 -14.03 -19.03
CA GLY D 98 38.85 -13.12 -19.23
C GLY D 98 40.17 -13.86 -19.33
N GLN D 99 41.21 -13.10 -19.69
CA GLN D 99 42.54 -13.65 -19.81
C GLN D 99 43.24 -13.79 -18.45
N GLY D 100 42.65 -13.25 -17.39
CA GLY D 100 43.22 -13.34 -16.07
C GLY D 100 43.90 -12.04 -15.65
N THR D 101 44.08 -11.90 -14.34
CA THR D 101 44.76 -10.74 -13.77
C THR D 101 45.56 -11.22 -12.57
N ARG D 102 46.84 -11.52 -12.79
CA ARG D 102 47.72 -11.95 -11.71
C ARG D 102 47.99 -10.77 -10.79
N LEU D 103 47.31 -10.74 -9.64
CA LEU D 103 47.52 -9.67 -8.66
C LEU D 103 48.73 -10.03 -7.81
N GLU D 104 49.91 -9.77 -8.39
CA GLU D 104 51.17 -10.16 -7.79
C GLU D 104 51.45 -9.37 -6.51
N ILE D 105 52.08 -10.02 -5.54
CA ILE D 105 52.39 -9.42 -4.26
C ILE D 105 53.59 -8.47 -4.37
N VAL E 2 28.47 -28.67 1.70
CA VAL E 2 28.40 -28.92 0.26
C VAL E 2 29.80 -28.99 -0.33
N GLN E 3 30.05 -30.04 -1.11
CA GLN E 3 31.35 -30.22 -1.74
C GLN E 3 31.16 -31.06 -3.01
N LEU E 4 32.03 -30.82 -3.99
CA LEU E 4 31.98 -31.53 -5.25
C LEU E 4 33.32 -32.21 -5.48
N VAL E 5 33.29 -33.53 -5.59
CA VAL E 5 34.49 -34.34 -5.77
C VAL E 5 34.63 -34.70 -7.25
N GLN E 6 35.86 -34.64 -7.76
CA GLN E 6 36.17 -34.98 -9.14
C GLN E 6 37.18 -36.10 -9.17
N SER E 7 37.11 -36.94 -10.21
CA SER E 7 38.01 -38.08 -10.35
C SER E 7 39.46 -37.62 -10.49
N GLY E 8 40.38 -38.52 -10.15
CA GLY E 8 41.79 -38.27 -10.26
C GLY E 8 42.23 -38.00 -11.69
N PRO E 9 43.29 -37.21 -11.85
CA PRO E 9 43.75 -36.85 -13.20
C PRO E 9 44.26 -38.07 -13.97
N GLU E 10 43.91 -38.12 -15.25
CA GLU E 10 44.33 -39.19 -16.15
C GLU E 10 44.85 -38.59 -17.43
N ALA E 11 46.00 -39.09 -17.91
CA ALA E 11 46.64 -38.60 -19.12
C ALA E 11 46.55 -39.67 -20.19
N LYS E 12 45.72 -39.44 -21.20
CA LYS E 12 45.58 -40.35 -22.32
C LYS E 12 46.54 -39.97 -23.45
N LYS E 13 46.80 -40.92 -24.33
CA LYS E 13 47.67 -40.70 -25.46
C LYS E 13 46.99 -39.79 -26.49
N PRO E 14 47.76 -39.17 -27.37
CA PRO E 14 47.17 -38.34 -28.43
C PRO E 14 46.28 -39.18 -29.35
N GLY E 15 45.16 -38.59 -29.76
CA GLY E 15 44.19 -39.27 -30.59
C GLY E 15 43.24 -40.18 -29.85
N ALA E 16 43.37 -40.30 -28.53
CA ALA E 16 42.50 -41.13 -27.72
C ALA E 16 41.39 -40.27 -27.12
N SER E 17 40.62 -40.86 -26.21
CA SER E 17 39.53 -40.18 -25.54
C SER E 17 39.74 -40.19 -24.04
N VAL E 18 39.23 -39.15 -23.37
CA VAL E 18 39.28 -39.05 -21.92
C VAL E 18 37.87 -38.97 -21.38
N LYS E 19 37.61 -39.71 -20.30
CA LYS E 19 36.38 -39.62 -19.56
C LYS E 19 36.69 -39.08 -18.17
N VAL E 20 36.01 -38.00 -17.79
CA VAL E 20 36.22 -37.35 -16.50
C VAL E 20 34.94 -37.49 -15.68
N SER E 21 35.10 -37.92 -14.43
CA SER E 21 33.97 -38.21 -13.55
C SER E 21 33.76 -37.05 -12.59
N CYS E 22 32.51 -36.62 -12.45
CA CYS E 22 32.14 -35.50 -11.60
C CYS E 22 31.09 -35.98 -10.61
N GLN E 23 31.38 -35.86 -9.32
CA GLN E 23 30.51 -36.36 -8.26
C GLN E 23 29.95 -35.21 -7.45
N ALA E 24 28.65 -35.29 -7.15
CA ALA E 24 27.94 -34.24 -6.42
C ALA E 24 27.61 -34.72 -5.02
N SER E 25 27.98 -33.92 -4.02
CA SER E 25 27.72 -34.25 -2.62
C SER E 25 27.14 -33.04 -1.91
N GLY E 26 26.12 -33.28 -1.09
CA GLY E 26 25.53 -32.23 -0.29
C GLY E 26 24.44 -31.42 -0.94
N TYR E 27 24.16 -31.64 -2.23
CA TYR E 27 23.11 -30.92 -2.91
C TYR E 27 22.43 -31.84 -3.90
N PRO E 28 21.15 -31.61 -4.21
CA PRO E 28 20.46 -32.43 -5.23
C PRO E 28 21.14 -32.33 -6.59
N PHE E 29 21.51 -33.49 -7.14
CA PHE E 29 22.20 -33.54 -8.42
C PHE E 29 21.34 -32.99 -9.55
N SER E 30 20.02 -33.18 -9.47
CA SER E 30 19.12 -32.62 -10.47
C SER E 30 18.83 -31.15 -10.16
N GLY E 31 18.50 -30.40 -11.21
CA GLY E 31 18.17 -29.00 -11.09
C GLY E 31 19.33 -28.04 -11.20
N TYR E 32 20.56 -28.55 -11.32
CA TYR E 32 21.74 -27.71 -11.45
C TYR E 32 22.52 -28.13 -12.69
N TYR E 33 22.79 -27.19 -13.59
CA TYR E 33 23.55 -27.50 -14.79
C TYR E 33 25.01 -27.80 -14.43
N MET E 34 25.61 -28.72 -15.18
CA MET E 34 27.01 -29.06 -15.05
C MET E 34 27.80 -28.38 -16.16
N HIS E 35 28.71 -27.48 -15.78
CA HIS E 35 29.51 -26.71 -16.73
C HIS E 35 30.96 -27.18 -16.68
N TRP E 36 31.55 -27.37 -17.85
CA TRP E 36 32.92 -27.84 -17.99
C TRP E 36 33.79 -26.74 -18.55
N LEU E 37 34.96 -26.52 -17.93
CA LEU E 37 35.86 -25.45 -18.32
C LEU E 37 37.23 -26.02 -18.61
N ARG E 38 37.91 -25.41 -19.58
CA ARG E 38 39.22 -25.85 -20.04
C ARG E 38 40.25 -24.84 -19.59
N GLN E 39 41.03 -25.18 -18.56
CA GLN E 39 42.09 -24.32 -18.06
C GLN E 39 43.39 -24.74 -18.74
N ALA E 40 43.57 -24.26 -19.96
CA ALA E 40 44.82 -24.48 -20.67
C ALA E 40 45.94 -23.73 -19.95
N PRO E 41 47.13 -24.32 -19.82
CA PRO E 41 48.23 -23.64 -19.13
C PRO E 41 48.68 -22.42 -19.93
N GLY E 42 48.67 -21.26 -19.27
CA GLY E 42 48.97 -20.01 -19.93
C GLY E 42 47.82 -19.39 -20.68
N GLN E 43 46.63 -19.99 -20.62
CA GLN E 43 45.45 -19.45 -21.28
C GLN E 43 44.30 -19.40 -20.28
N GLY E 44 43.33 -18.54 -20.57
CA GLY E 44 42.21 -18.36 -19.67
C GLY E 44 41.25 -19.54 -19.70
N LEU E 45 40.37 -19.57 -18.69
CA LEU E 45 39.30 -20.55 -18.66
C LEU E 45 38.41 -20.39 -19.88
N GLU E 46 38.00 -21.51 -20.47
CA GLU E 46 37.13 -21.45 -21.65
C GLU E 46 35.99 -22.45 -21.49
N TRP E 47 34.79 -21.99 -21.82
CA TRP E 47 33.55 -22.73 -21.59
C TRP E 47 33.33 -23.76 -22.69
N MET E 48 33.00 -24.99 -22.30
CA MET E 48 32.71 -26.06 -23.25
C MET E 48 31.21 -26.29 -23.42
N GLY E 49 30.48 -26.49 -22.34
CA GLY E 49 29.05 -26.72 -22.45
C GLY E 49 28.42 -26.93 -21.10
N TRP E 50 27.09 -27.04 -21.11
CA TRP E 50 26.30 -27.38 -19.96
C TRP E 50 25.45 -28.61 -20.25
N MET E 51 25.25 -29.44 -19.23
CA MET E 51 24.40 -30.62 -19.31
C MET E 51 23.27 -30.48 -18.31
N ASN E 52 22.04 -30.64 -18.79
CA ASN E 52 20.87 -30.52 -17.92
C ASN E 52 20.57 -31.86 -17.28
N PRO E 53 20.61 -31.97 -15.95
CA PRO E 53 20.35 -33.27 -15.32
C PRO E 53 18.90 -33.72 -15.43
N ASN E 54 17.94 -32.81 -15.28
CA ASN E 54 16.53 -33.20 -15.27
C ASN E 54 16.06 -33.69 -16.64
N SER E 55 16.29 -32.88 -17.68
CA SER E 55 15.82 -33.26 -19.01
C SER E 55 16.77 -34.24 -19.69
N GLY E 56 18.07 -34.12 -19.42
CA GLY E 56 19.07 -34.91 -20.11
C GLY E 56 19.64 -34.26 -21.35
N GLY E 57 19.14 -33.10 -21.76
CA GLY E 57 19.63 -32.47 -22.96
C GLY E 57 21.00 -31.85 -22.77
N THR E 58 21.75 -31.75 -23.87
CA THR E 58 23.10 -31.21 -23.86
C THR E 58 23.25 -30.16 -24.95
N LYS E 59 24.02 -29.11 -24.66
CA LYS E 59 24.43 -28.13 -25.64
C LYS E 59 25.93 -27.86 -25.49
N TYR E 60 26.63 -27.81 -26.62
CA TYR E 60 28.08 -27.72 -26.65
C TYR E 60 28.49 -26.42 -27.33
N ALA E 61 29.74 -26.02 -27.08
CA ALA E 61 30.28 -24.83 -27.71
C ALA E 61 30.46 -25.05 -29.22
N GLN E 62 30.58 -23.94 -29.95
CA GLN E 62 30.72 -24.01 -31.40
C GLN E 62 32.01 -24.71 -31.82
N ARG E 63 33.08 -24.53 -31.02
CA ARG E 63 34.33 -25.21 -31.30
C ARG E 63 34.19 -26.72 -31.14
N PHE E 64 33.56 -27.16 -30.04
CA PHE E 64 33.43 -28.57 -29.71
C PHE E 64 32.02 -29.07 -30.04
N GLN E 65 31.47 -28.59 -31.15
CA GLN E 65 30.12 -28.97 -31.54
C GLN E 65 30.02 -30.42 -32.00
N GLY E 66 31.14 -31.05 -32.32
CA GLY E 66 31.11 -32.42 -32.79
C GLY E 66 32.15 -33.34 -32.18
N ARG E 67 32.85 -32.90 -31.15
CA ARG E 67 33.88 -33.72 -30.52
C ARG E 67 33.51 -34.17 -29.11
N VAL E 68 33.08 -33.25 -28.25
CA VAL E 68 32.82 -33.56 -26.86
C VAL E 68 31.45 -34.24 -26.74
N THR E 69 31.36 -35.21 -25.83
CA THR E 69 30.10 -35.88 -25.51
C THR E 69 29.95 -35.93 -24.00
N MET E 70 28.78 -35.53 -23.50
CA MET E 70 28.48 -35.51 -22.08
C MET E 70 27.36 -36.49 -21.79
N THR E 71 27.55 -37.31 -20.75
CA THR E 71 26.56 -38.30 -20.34
C THR E 71 26.44 -38.27 -18.82
N ARG E 72 25.55 -39.10 -18.29
CA ARG E 72 25.36 -39.20 -16.85
C ARG E 72 24.76 -40.56 -16.52
N ASP E 73 24.52 -40.79 -15.23
CA ASP E 73 23.92 -42.03 -14.76
C ASP E 73 23.11 -41.69 -13.52
N THR E 74 21.78 -41.69 -13.66
CA THR E 74 20.90 -41.24 -12.59
C THR E 74 20.95 -42.15 -11.38
N SER E 75 21.21 -43.45 -11.59
CA SER E 75 21.32 -44.38 -10.48
C SER E 75 22.48 -44.03 -9.56
N ILE E 76 23.64 -43.67 -10.14
CA ILE E 76 24.81 -43.30 -9.36
C ILE E 76 24.94 -41.80 -9.17
N SER E 77 24.20 -40.99 -9.92
CA SER E 77 24.22 -39.52 -9.85
C SER E 77 25.64 -38.97 -10.06
N THR E 78 26.21 -39.34 -11.20
CA THR E 78 27.55 -38.92 -11.59
C THR E 78 27.52 -38.36 -13.01
N ALA E 79 28.26 -37.28 -13.22
CA ALA E 79 28.33 -36.62 -14.52
C ALA E 79 29.64 -36.98 -15.21
N HIS E 80 29.55 -37.44 -16.45
CA HIS E 80 30.71 -37.87 -17.21
C HIS E 80 30.80 -37.10 -18.52
N MET E 81 32.02 -36.73 -18.89
CA MET E 81 32.31 -35.99 -20.11
C MET E 81 33.36 -36.73 -20.91
N GLU E 82 33.04 -37.02 -22.17
CA GLU E 82 33.95 -37.72 -23.08
C GLU E 82 34.34 -36.78 -24.21
N LEU E 83 35.65 -36.60 -24.39
CA LEU E 83 36.19 -35.74 -25.44
C LEU E 83 37.04 -36.58 -26.39
N ARG E 84 36.79 -36.44 -27.68
CA ARG E 84 37.49 -37.18 -28.72
C ARG E 84 38.38 -36.26 -29.53
N GLY E 85 39.31 -36.87 -30.27
CA GLY E 85 40.22 -36.13 -31.12
C GLY E 85 41.18 -35.23 -30.37
N LEU E 86 41.80 -35.75 -29.32
CA LEU E 86 42.73 -34.97 -28.52
C LEU E 86 43.93 -34.54 -29.35
N ARG E 87 44.33 -33.27 -29.19
CA ARG E 87 45.48 -32.71 -29.88
C ARG E 87 46.39 -32.06 -28.85
N SER E 88 47.49 -31.47 -29.33
CA SER E 88 48.45 -30.83 -28.43
C SER E 88 47.88 -29.61 -27.74
N ASP E 89 46.82 -29.01 -28.28
CA ASP E 89 46.14 -27.88 -27.66
C ASP E 89 44.97 -28.31 -26.79
N ASP E 90 44.67 -29.60 -26.70
CA ASP E 90 43.60 -30.11 -25.88
C ASP E 90 44.06 -30.53 -24.50
N THR E 91 45.33 -30.31 -24.17
CA THR E 91 45.84 -30.57 -22.84
C THR E 91 45.52 -29.38 -21.93
N ALA E 92 44.88 -29.66 -20.80
CA ALA E 92 44.43 -28.62 -19.88
C ALA E 92 44.03 -29.27 -18.57
N VAL E 93 43.50 -28.45 -17.66
CA VAL E 93 42.90 -28.89 -16.41
C VAL E 93 41.42 -28.62 -16.51
N TYR E 94 40.61 -29.67 -16.33
CA TYR E 94 39.17 -29.61 -16.56
C TYR E 94 38.43 -29.52 -15.23
N TYR E 95 37.48 -28.59 -15.14
CA TYR E 95 36.70 -28.36 -13.94
C TYR E 95 35.22 -28.53 -14.25
N CYS E 96 34.48 -29.17 -13.35
CA CYS E 96 33.03 -29.19 -13.40
C CYS E 96 32.49 -28.41 -12.22
N ALA E 97 31.61 -27.44 -12.50
CA ALA E 97 31.10 -26.53 -11.49
C ALA E 97 29.58 -26.53 -11.51
N ARG E 98 28.99 -26.21 -10.36
CA ARG E 98 27.55 -26.17 -10.19
C ARG E 98 27.07 -24.72 -10.25
N ASP E 99 25.96 -24.48 -10.95
CA ASP E 99 25.35 -23.16 -11.02
C ASP E 99 24.37 -23.00 -9.87
N TYR E 100 24.79 -22.29 -8.82
CA TYR E 100 23.89 -22.02 -7.71
C TYR E 100 22.78 -21.06 -8.11
N CYS E 101 22.92 -20.37 -9.25
CA CYS E 101 21.96 -19.39 -9.72
C CYS E 101 20.85 -19.99 -10.57
N THR E 102 21.05 -21.17 -11.16
CA THR E 102 20.03 -21.80 -11.99
C THR E 102 18.75 -22.09 -11.18
N GLY E 103 18.92 -22.45 -9.90
CA GLY E 103 17.78 -22.91 -9.12
C GLY E 103 16.68 -21.86 -8.97
N SER E 104 17.06 -20.61 -8.72
CA SER E 104 16.04 -19.59 -8.48
C SER E 104 16.54 -18.22 -8.91
N SER E 105 15.58 -17.33 -9.19
CA SER E 105 15.80 -15.88 -9.28
C SER E 105 16.72 -15.56 -10.45
N CYS E 106 17.94 -15.10 -10.22
CA CYS E 106 18.90 -14.62 -11.21
C CYS E 106 19.02 -15.50 -12.45
N TYR E 107 19.25 -14.85 -13.59
CA TYR E 107 19.50 -15.53 -14.87
C TYR E 107 20.98 -15.75 -15.16
N ARG E 108 21.88 -15.11 -14.44
CA ARG E 108 23.31 -15.22 -14.70
C ARG E 108 23.81 -16.65 -14.47
N THR E 109 25.03 -16.91 -14.94
CA THR E 109 25.69 -18.18 -14.73
C THR E 109 26.86 -17.98 -13.77
N ASP E 110 26.78 -18.60 -12.60
CA ASP E 110 27.84 -18.50 -11.61
C ASP E 110 28.33 -19.90 -11.23
N TYR E 111 29.56 -19.98 -10.78
CA TYR E 111 30.20 -21.23 -10.40
C TYR E 111 30.58 -21.12 -8.92
N ASP E 112 29.62 -21.44 -8.05
CA ASP E 112 29.86 -21.31 -6.61
C ASP E 112 30.87 -22.33 -6.12
N TYR E 113 30.77 -23.58 -6.59
CA TYR E 113 31.67 -24.65 -6.20
C TYR E 113 32.27 -25.28 -7.43
N TRP E 114 33.57 -25.57 -7.38
CA TRP E 114 34.32 -26.14 -8.48
C TRP E 114 34.86 -27.51 -8.10
N GLY E 115 35.34 -28.24 -9.10
CA GLY E 115 35.99 -29.51 -8.87
C GLY E 115 37.45 -29.33 -8.47
N GLN E 116 38.09 -30.46 -8.17
CA GLN E 116 39.51 -30.42 -7.83
C GLN E 116 40.36 -30.02 -9.03
N GLY E 117 39.94 -30.43 -10.23
CA GLY E 117 40.69 -30.13 -11.43
C GLY E 117 41.37 -31.37 -11.97
N THR E 118 40.84 -31.92 -13.04
CA THR E 118 41.38 -33.13 -13.65
C THR E 118 42.44 -32.72 -14.68
N LEU E 119 43.69 -33.05 -14.39
CA LEU E 119 44.79 -32.70 -15.29
C LEU E 119 44.88 -33.73 -16.39
N VAL E 120 44.62 -33.30 -17.62
CA VAL E 120 44.68 -34.18 -18.80
C VAL E 120 45.88 -33.75 -19.63
N THR E 121 46.76 -34.69 -19.92
CA THR E 121 47.96 -34.44 -20.71
C THR E 121 47.86 -35.19 -22.02
N VAL E 122 48.03 -34.48 -23.13
CA VAL E 122 47.96 -35.09 -24.45
C VAL E 122 49.32 -35.01 -25.13
C1 NAG F . 0.84 16.01 6.44
C2 NAG F . 0.51 17.52 6.49
C3 NAG F . 1.55 18.31 7.27
C4 NAG F . 1.77 17.73 8.66
C5 NAG F . 2.17 16.25 8.56
C6 NAG F . 2.24 15.54 9.91
C7 NAG F . 1.27 18.24 4.24
C8 NAG F . 0.89 19.03 3.03
N2 NAG F . 0.33 18.14 5.18
O3 NAG F . 1.13 19.66 7.42
O4 NAG F . 2.77 18.55 9.28
O5 NAG F . 1.19 15.53 7.79
O6 NAG F . 0.97 15.06 10.34
O7 NAG F . 2.38 17.70 4.33
C1 NAG F . 4.19 18.29 9.07
C2 NAG F . 4.94 19.42 8.32
C3 NAG F . 6.45 19.19 8.37
C4 NAG F . 6.92 18.98 9.80
C5 NAG F . 6.15 17.81 10.41
C6 NAG F . 6.50 17.53 11.86
C7 NAG F . 4.47 20.64 6.24
C8 NAG F . 3.93 20.53 4.85
N2 NAG F . 4.48 19.50 6.95
O3 NAG F . 7.12 20.29 7.78
O4 NAG F . 8.32 18.70 9.84
O5 NAG F . 4.74 18.11 10.36
O6 NAG F . 5.81 16.38 12.33
O7 NAG F . 4.86 21.70 6.71
C1 NAG G . -1.95 21.52 8.82
C2 NAG G . -2.06 23.03 8.89
C3 NAG G . -0.98 23.56 9.85
C4 NAG G . -0.98 22.82 11.18
C5 NAG G . -1.14 21.30 11.02
C6 NAG G . -1.45 20.60 12.33
C7 NAG G . -2.58 24.73 7.15
C8 NAG G . -3.56 25.35 8.12
N2 NAG G . -1.91 23.64 7.57
O3 NAG G . -1.16 24.95 10.09
O4 NAG G . 0.30 23.01 11.81
O5 NAG G . -2.20 20.97 10.10
O6 NAG G . -1.39 19.18 12.20
O7 NAG G . -2.41 25.21 6.03
C1 NAG G . 0.26 23.95 12.92
C2 NAG G . 1.51 23.78 13.80
C3 NAG G . 1.53 24.84 14.90
C4 NAG G . 1.37 26.23 14.33
C5 NAG G . 0.12 26.29 13.46
C6 NAG G . -0.05 27.63 12.76
C7 NAG G . 2.60 21.60 14.11
C8 NAG G . 2.51 20.27 14.80
N2 NAG G . 1.59 22.45 14.36
O3 NAG G . 2.75 24.75 15.63
O4 NAG G . 1.27 27.19 15.38
O5 NAG G . 0.19 25.29 12.43
O6 NAG G . 0.86 27.76 11.68
O7 NAG G . 3.53 21.89 13.36
C1 NAG H . 5.08 -13.72 -3.76
C2 NAG H . 4.22 -15.01 -3.96
C3 NAG H . 3.61 -15.47 -2.61
C4 NAG H . 4.64 -15.50 -1.49
C5 NAG H . 5.39 -14.19 -1.41
C6 NAG H . 6.51 -14.21 -0.40
C7 NAG H . 3.36 -14.97 -6.26
C8 NAG H . 2.16 -14.72 -7.12
N2 NAG H . 3.18 -14.79 -4.94
O3 NAG H . 3.06 -16.77 -2.75
O4 NAG H . 4.00 -15.74 -0.24
O5 NAG H . 5.99 -13.92 -2.68
O6 NAG H . 6.02 -13.84 0.87
O7 NAG H . 4.44 -15.31 -6.72
#